data_3JUT
#
_entry.id   3JUT
#
_cell.length_a   97.658
_cell.length_b   47.685
_cell.length_c   98.413
_cell.angle_alpha   90.00
_cell.angle_beta   106.45
_cell.angle_gamma   90.00
#
_symmetry.space_group_name_H-M   'P 1 2 1'
#
loop_
_entity.id
_entity.type
_entity.pdbx_description
1 polymer 'Heparin-binding growth factor 1'
2 non-polymer '2,5-dihydroxybenzoic acid'
3 water water
#
_entity_poly.entity_id   1
_entity_poly.type   'polypeptide(L)'
_entity_poly.pdbx_seq_one_letter_code
;KKPKLLYCSNGGHFLRILPDGTVDGTRDRSDQHIQLQLSAESVGEVYIKSTETGQYLAMDTDGLLYGSQTPNEECLFLER
LEENHYNTYISKKHAEKNWFVGLKKNGSCKRGPRTHYGQKAILFLPLPVS
;
_entity_poly.pdbx_strand_id   A,B,C,D,E,F
#
loop_
_chem_comp.id
_chem_comp.type
_chem_comp.name
_chem_comp.formula
GTQ non-polymer '2,5-dihydroxybenzoic acid' 'C7 H6 O4'
#
# COMPACT_ATOMS: atom_id res chain seq x y z
N LYS A 1 1.66 -1.35 37.41
CA LYS A 1 0.87 -0.40 36.54
C LYS A 1 -0.45 0.15 37.16
N LYS A 2 -0.92 1.28 36.62
CA LYS A 2 -2.15 1.94 37.06
C LYS A 2 -3.04 2.34 35.86
N PRO A 3 -4.30 1.83 35.82
CA PRO A 3 -5.24 2.25 34.79
C PRO A 3 -5.81 3.64 35.09
N LYS A 4 -6.36 4.28 34.06
CA LYS A 4 -6.77 5.67 34.13
C LYS A 4 -7.93 5.83 33.20
N LEU A 5 -8.81 6.75 33.53
CA LEU A 5 -9.79 7.29 32.60
C LEU A 5 -9.17 8.54 31.97
N LEU A 6 -9.57 8.88 30.76
CA LEU A 6 -9.07 10.09 30.03
C LEU A 6 -10.31 10.90 29.71
N TYR A 7 -10.49 12.01 30.42
CA TYR A 7 -11.76 12.71 30.46
C TYR A 7 -11.61 13.90 29.54
N CYS A 8 -12.32 13.89 28.43
CA CYS A 8 -12.22 14.99 27.46
C CYS A 8 -13.01 16.19 27.95
N SER A 9 -12.31 17.28 28.17
CA SER A 9 -12.94 18.52 28.53
C SER A 9 -14.06 19.06 27.59
N ASN A 10 -14.02 18.79 26.26
CA ASN A 10 -15.00 19.37 25.33
C ASN A 10 -16.29 18.64 25.60
N GLY A 11 -17.36 19.22 25.99
CA GLY A 11 -18.32 17.98 26.21
C GLY A 11 -18.28 16.93 27.37
N GLY A 12 -17.15 16.69 28.06
CA GLY A 12 -17.10 15.79 29.27
C GLY A 12 -17.27 14.25 29.16
N HIS A 13 -16.62 13.64 28.19
CA HIS A 13 -16.71 12.22 27.87
C HIS A 13 -15.36 11.65 28.20
N PHE A 14 -15.38 10.47 28.82
CA PHE A 14 -14.24 9.57 28.85
C PHE A 14 -13.88 8.90 27.51
N LEU A 15 -12.60 8.93 27.12
CA LEU A 15 -12.15 8.25 25.93
C LEU A 15 -12.49 6.77 26.02
N ARG A 16 -13.07 6.24 24.94
CA ARG A 16 -13.53 4.86 24.87
C ARG A 16 -13.08 4.16 23.60
N ILE A 17 -12.58 2.92 23.75
CA ILE A 17 -12.16 2.13 22.62
C ILE A 17 -13.10 0.94 22.64
N LEU A 18 -14.08 0.93 21.75
CA LEU A 18 -15.05 -0.20 21.70
C LEU A 18 -14.38 -1.44 21.15
N PRO A 19 -14.92 -2.66 21.44
CA PRO A 19 -14.30 -3.89 20.92
C PRO A 19 -14.15 -4.00 19.41
N ASP A 20 -14.96 -3.21 18.67
CA ASP A 20 -14.94 -3.27 17.20
C ASP A 20 -13.91 -2.37 16.56
N GLY A 21 -13.20 -1.57 17.35
CA GLY A 21 -12.19 -0.70 16.83
C GLY A 21 -12.64 0.75 16.81
N THR A 22 -13.92 0.97 17.09
CA THR A 22 -14.55 2.28 17.16
C THR A 22 -14.11 2.99 18.44
N VAL A 23 -13.74 4.26 18.27
CA VAL A 23 -13.23 5.12 19.31
C VAL A 23 -14.18 6.31 19.36
N ASP A 24 -14.75 6.53 20.55
CA ASP A 24 -15.63 7.64 20.79
C ASP A 24 -15.45 7.99 22.27
N GLY A 25 -16.52 8.38 22.96
CA GLY A 25 -16.38 8.96 24.29
C GLY A 25 -17.73 8.67 24.93
N THR A 26 -17.76 8.42 26.28
CA THR A 26 -19.04 8.20 27.00
C THR A 26 -18.98 8.97 28.31
N ARG A 27 -20.11 9.31 28.94
CA ARG A 27 -20.09 9.98 30.28
C ARG A 27 -20.29 8.91 31.34
N ASP A 28 -20.54 7.69 30.90
CA ASP A 28 -20.80 6.55 31.82
C ASP A 28 -19.49 6.09 32.42
N ARG A 29 -19.31 6.32 33.71
CA ARG A 29 -18.03 6.06 34.42
C ARG A 29 -17.94 4.52 34.71
N SER A 30 -19.08 3.86 34.65
CA SER A 30 -19.12 2.40 34.69
C SER A 30 -18.64 1.71 33.39
N ASP A 31 -18.43 2.43 32.31
CA ASP A 31 -18.26 1.76 31.06
C ASP A 31 -17.00 0.93 31.17
N GLN A 32 -17.08 -0.31 30.71
CA GLN A 32 -15.98 -1.22 30.73
C GLN A 32 -14.87 -0.78 29.80
N HIS A 33 -15.18 0.06 28.80
CA HIS A 33 -14.20 0.32 27.73
C HIS A 33 -13.41 1.61 27.81
N ILE A 34 -13.60 2.32 28.94
CA ILE A 34 -12.84 3.50 29.29
C ILE A 34 -11.59 3.38 30.20
N GLN A 35 -11.39 2.22 30.82
CA GLN A 35 -10.18 1.96 31.58
C GLN A 35 -8.94 1.81 30.63
N LEU A 36 -7.93 2.67 30.79
CA LEU A 36 -6.85 2.76 29.81
C LEU A 36 -5.47 2.62 30.45
N GLN A 37 -4.62 1.77 29.89
CA GLN A 37 -3.24 1.66 30.30
C GLN A 37 -2.36 2.57 29.45
N LEU A 38 -1.66 3.51 30.11
CA LEU A 38 -0.65 4.30 29.42
C LEU A 38 0.73 3.76 29.69
N SER A 39 1.52 3.57 28.64
CA SER A 39 2.87 3.11 28.85
C SER A 39 3.79 3.89 27.96
N ALA A 40 4.90 4.32 28.52
CA ALA A 40 5.80 5.18 27.77
C ALA A 40 6.89 4.37 27.05
N GLU A 41 6.78 4.31 25.72
CA GLU A 41 7.83 3.68 24.89
C GLU A 41 9.18 4.42 25.09
N SER A 42 9.18 5.71 24.75
CA SER A 42 10.29 6.61 25.03
C SER A 42 9.76 7.70 25.97
N VAL A 43 10.57 8.71 26.28
CA VAL A 43 10.18 9.78 27.23
C VAL A 43 8.77 10.38 26.94
N GLY A 44 8.62 11.11 25.84
CA GLY A 44 7.32 11.71 25.52
C GLY A 44 6.41 10.89 24.59
N GLU A 45 6.67 9.59 24.50
CA GLU A 45 5.97 8.71 23.54
C GLU A 45 5.16 7.67 24.32
N VAL A 46 3.83 7.77 24.27
CA VAL A 46 2.98 6.77 24.94
C VAL A 46 2.16 5.96 23.96
N TYR A 47 1.81 4.75 24.40
CA TYR A 47 0.75 3.99 23.79
C TYR A 47 -0.36 4.11 24.79
N ILE A 48 -1.60 4.12 24.30
CA ILE A 48 -2.77 4.18 25.18
C ILE A 48 -3.51 2.86 24.92
N LYS A 49 -3.52 1.97 25.91
CA LYS A 49 -4.09 0.62 25.72
C LYS A 49 -5.37 0.32 26.54
N SER A 50 -6.38 -0.24 25.90
CA SER A 50 -7.51 -0.79 26.61
C SER A 50 -7.18 -1.94 27.62
N THR A 51 -7.59 -1.78 28.86
CA THR A 51 -7.36 -2.84 29.83
C THR A 51 -8.43 -3.94 29.70
N GLU A 52 -9.57 -3.66 29.04
CA GLU A 52 -10.57 -4.72 28.78
C GLU A 52 -10.25 -5.54 27.51
N THR A 53 -9.82 -4.88 26.44
CA THR A 53 -9.73 -5.60 25.15
C THR A 53 -8.28 -5.82 24.74
N GLY A 54 -7.40 -5.14 25.48
CA GLY A 54 -6.01 -5.12 25.11
C GLY A 54 -5.75 -4.44 23.77
N GLN A 55 -6.70 -3.68 23.24
CA GLN A 55 -6.49 -2.88 22.02
C GLN A 55 -5.82 -1.50 22.23
N TYR A 56 -4.95 -1.13 21.30
CA TYR A 56 -4.27 0.16 21.32
C TYR A 56 -4.98 1.22 20.52
N LEU A 57 -5.08 2.45 21.07
CA LEU A 57 -5.58 3.62 20.34
C LEU A 57 -4.66 3.84 19.14
N ALA A 58 -5.21 4.20 17.98
CA ALA A 58 -4.44 4.49 16.82
C ALA A 58 -5.12 5.62 16.01
N MET A 59 -4.40 6.14 15.01
CA MET A 59 -4.94 7.18 14.12
C MET A 59 -4.48 6.89 12.73
N ASP A 60 -5.43 6.69 11.82
CA ASP A 60 -5.08 6.25 10.43
C ASP A 60 -4.73 7.43 9.48
N THR A 61 -4.43 7.14 8.21
CA THR A 61 -4.02 8.22 7.26
C THR A 61 -5.04 9.36 7.07
N ASP A 62 -6.30 9.17 7.53
CA ASP A 62 -7.34 10.16 7.30
C ASP A 62 -7.51 11.01 8.56
N GLY A 63 -6.94 10.53 9.65
CA GLY A 63 -7.07 11.18 10.94
C GLY A 63 -8.13 10.59 11.84
N LEU A 64 -8.66 9.41 11.48
CA LEU A 64 -9.72 8.77 12.28
C LEU A 64 -9.09 7.97 13.40
N LEU A 65 -9.69 7.98 14.57
CA LEU A 65 -9.12 7.22 15.65
C LEU A 65 -9.68 5.84 15.44
N TYR A 66 -8.89 4.80 15.75
CA TYR A 66 -9.41 3.40 15.80
C TYR A 66 -8.67 2.68 16.91
N GLY A 67 -9.13 1.47 17.18
CA GLY A 67 -8.49 0.53 18.09
C GLY A 67 -7.77 -0.52 17.28
N SER A 68 -6.44 -0.58 17.44
CA SER A 68 -5.60 -1.52 16.76
C SER A 68 -5.40 -2.71 17.69
N GLN A 69 -5.52 -3.92 17.14
CA GLN A 69 -5.33 -5.13 17.91
C GLN A 69 -3.85 -5.36 18.29
N THR A 70 -2.95 -4.87 17.46
CA THR A 70 -1.51 -5.02 17.65
C THR A 70 -0.87 -3.64 17.51
N PRO A 71 0.13 -3.32 18.36
CA PRO A 71 0.76 -1.99 18.25
C PRO A 71 1.46 -1.78 16.92
N ASN A 72 1.52 -0.55 16.44
CA ASN A 72 2.23 -0.23 15.20
C ASN A 72 2.60 1.24 15.24
N GLU A 73 3.17 1.74 14.13
CA GLU A 73 3.55 3.16 14.03
C GLU A 73 2.38 4.12 14.31
N GLU A 74 1.19 3.75 13.82
CA GLU A 74 -0.07 4.53 14.00
C GLU A 74 -0.57 4.73 15.47
N CYS A 75 -0.01 3.98 16.42
CA CYS A 75 -0.47 3.91 17.84
C CYS A 75 0.42 4.70 18.79
N LEU A 76 1.40 5.38 18.26
CA LEU A 76 2.34 6.10 19.11
C LEU A 76 1.84 7.50 19.13
N PHE A 77 1.72 8.04 20.34
CA PHE A 77 1.24 9.38 20.60
C PHE A 77 2.24 10.11 21.46
N LEU A 78 2.30 11.40 21.24
CA LEU A 78 3.26 12.27 21.91
C LEU A 78 2.48 12.96 23.00
N GLU A 79 2.84 12.72 24.24
CA GLU A 79 1.95 13.24 25.29
C GLU A 79 2.55 14.52 25.83
N ARG A 80 1.79 15.61 25.81
CA ARG A 80 2.28 16.90 26.39
C ARG A 80 1.44 17.33 27.58
N LEU A 81 2.10 17.77 28.66
CA LEU A 81 1.40 18.30 29.84
C LEU A 81 0.91 19.74 29.59
N GLU A 82 -0.38 20.03 29.77
CA GLU A 82 -0.84 21.38 29.54
C GLU A 82 -0.89 22.31 30.84
N GLU A 83 -1.75 23.38 30.57
CA GLU A 83 -1.65 24.60 31.35
C GLU A 83 -2.35 24.46 32.71
N ASN A 84 -3.48 23.76 32.68
CA ASN A 84 -4.21 23.43 33.88
C ASN A 84 -4.51 21.96 33.99
N HIS A 85 -3.44 21.16 34.02
CA HIS A 85 -3.42 19.75 34.47
C HIS A 85 -3.84 18.72 33.47
N TYR A 86 -4.33 19.17 32.30
CA TYR A 86 -4.77 18.39 31.15
C TYR A 86 -3.66 18.00 30.16
N ASN A 87 -3.80 16.86 29.43
CA ASN A 87 -2.74 16.50 28.45
C ASN A 87 -3.31 16.67 27.03
N THR A 88 -2.44 16.81 26.01
CA THR A 88 -2.83 16.67 24.58
C THR A 88 -2.08 15.48 23.93
N TYR A 89 -2.65 14.86 22.90
CA TYR A 89 -1.99 13.73 22.25
C TYR A 89 -1.96 13.89 20.76
N ILE A 90 -0.74 14.06 20.19
CA ILE A 90 -0.61 14.26 18.77
C ILE A 90 0.02 13.04 18.10
N SER A 91 -0.55 12.61 16.96
CA SER A 91 -0.09 11.42 16.24
C SER A 91 1.39 11.49 15.82
N LYS A 92 2.18 10.55 16.35
CA LYS A 92 3.60 10.50 16.07
C LYS A 92 3.72 10.43 14.57
N LYS A 93 3.00 9.48 13.96
CA LYS A 93 3.05 9.32 12.51
C LYS A 93 2.64 10.59 11.70
N HIS A 94 2.01 11.58 12.37
CA HIS A 94 1.43 12.71 11.66
C HIS A 94 1.69 13.99 12.49
N ALA A 95 2.96 14.27 12.91
CA ALA A 95 3.20 15.30 13.94
C ALA A 95 3.49 16.56 13.22
N GLU A 96 4.00 16.38 11.98
CA GLU A 96 4.29 17.49 11.12
C GLU A 96 2.93 18.14 10.80
N LYS A 97 1.78 17.37 11.12
CA LYS A 97 0.43 17.79 10.77
C LYS A 97 -0.32 18.39 11.96
N ASN A 98 0.10 18.00 13.18
CA ASN A 98 -0.48 18.47 14.41
C ASN A 98 -1.87 17.87 14.48
N TRP A 99 -1.97 16.60 14.08
CA TRP A 99 -3.16 15.80 14.31
C TRP A 99 -3.22 15.35 15.76
N PHE A 100 -4.27 15.79 16.47
CA PHE A 100 -4.46 15.49 17.86
C PHE A 100 -5.57 14.46 18.02
N VAL A 101 -5.49 13.67 19.09
CA VAL A 101 -6.62 12.91 19.62
C VAL A 101 -7.65 13.96 20.08
N GLY A 102 -8.90 13.86 19.61
CA GLY A 102 -9.92 14.78 20.08
C GLY A 102 -11.26 14.17 19.93
N LEU A 103 -12.20 14.70 20.70
CA LEU A 103 -13.63 14.27 20.64
C LEU A 103 -14.51 15.47 20.46
N LYS A 104 -15.59 15.26 19.70
CA LYS A 104 -16.57 16.31 19.47
C LYS A 104 -17.35 16.53 20.76
N LYS A 105 -18.16 17.56 20.81
CA LYS A 105 -19.04 17.78 21.98
C LYS A 105 -20.09 16.71 22.20
N ASN A 106 -20.52 16.10 21.08
CA ASN A 106 -21.45 14.95 21.10
C ASN A 106 -20.77 13.60 21.43
N GLY A 107 -19.45 13.66 21.69
CA GLY A 107 -18.66 12.53 22.12
C GLY A 107 -18.17 11.63 21.01
N SER A 108 -18.43 12.00 19.76
CA SER A 108 -17.79 11.44 18.56
C SER A 108 -16.35 11.91 18.42
N CYS A 109 -15.54 11.17 17.66
CA CYS A 109 -14.16 11.58 17.47
C CYS A 109 -14.02 12.66 16.37
N LYS A 110 -13.12 13.58 16.63
CA LYS A 110 -12.86 14.69 15.78
C LYS A 110 -11.66 14.14 15.03
N ARG A 111 -11.69 14.19 13.70
CA ARG A 111 -10.58 13.73 12.89
C ARG A 111 -9.40 14.68 13.05
N GLY A 112 -8.18 14.17 12.86
CA GLY A 112 -6.97 14.92 13.18
C GLY A 112 -6.92 16.23 12.45
N PRO A 113 -7.35 16.26 11.17
CA PRO A 113 -7.34 17.53 10.46
C PRO A 113 -8.22 18.62 11.10
N ARG A 114 -9.36 18.22 11.71
CA ARG A 114 -10.29 19.17 12.31
C ARG A 114 -9.81 19.70 13.63
N THR A 115 -8.59 19.31 14.03
CA THR A 115 -8.05 19.66 15.35
C THR A 115 -7.06 20.83 15.30
N HIS A 116 -6.97 21.58 16.39
CA HIS A 116 -5.97 22.63 16.52
C HIS A 116 -5.74 22.88 17.98
N TYR A 117 -4.55 23.37 18.31
CA TYR A 117 -4.22 23.80 19.66
C TYR A 117 -5.21 24.88 20.15
N GLY A 118 -5.64 24.78 21.41
CA GLY A 118 -6.55 25.75 21.96
C GLY A 118 -7.97 25.29 21.93
N GLN A 119 -8.22 24.17 21.24
CA GLN A 119 -9.54 23.55 21.25
C GLN A 119 -9.67 22.82 22.57
N LYS A 120 -10.89 22.74 23.11
CA LYS A 120 -11.20 21.90 24.29
C LYS A 120 -11.34 20.46 23.92
N ALA A 121 -11.56 20.22 22.63
CA ALA A 121 -11.64 18.88 22.03
C ALA A 121 -10.46 17.94 22.31
N ILE A 122 -9.27 18.55 22.43
CA ILE A 122 -8.00 17.81 22.44
C ILE A 122 -7.42 17.70 23.84
N LEU A 123 -8.23 18.05 24.83
CA LEU A 123 -7.74 18.17 26.20
C LEU A 123 -8.25 17.05 27.05
N PHE A 124 -7.32 16.27 27.58
CA PHE A 124 -7.67 15.11 28.37
C PHE A 124 -7.03 15.15 29.69
N LEU A 125 -7.86 15.02 30.70
CA LEU A 125 -7.46 14.94 32.08
C LEU A 125 -7.33 13.43 32.43
N PRO A 126 -6.11 12.91 32.72
CA PRO A 126 -5.96 11.56 33.24
C PRO A 126 -6.37 11.49 34.70
N LEU A 127 -7.18 10.50 35.05
CA LEU A 127 -7.73 10.32 36.38
C LEU A 127 -7.36 8.92 36.84
N PRO A 128 -6.72 8.81 38.01
CA PRO A 128 -6.47 7.43 38.42
C PRO A 128 -7.73 6.77 38.96
N VAL A 129 -8.26 5.78 38.22
CA VAL A 129 -9.49 5.02 38.54
C VAL A 129 -9.49 4.11 39.79
N SER A 130 -10.28 4.51 40.81
CA SER A 130 -10.69 3.72 42.04
C SER A 130 -9.94 3.93 43.37
N LYS B 1 -32.68 -0.52 10.76
CA LYS B 1 -32.12 -1.86 11.11
C LYS B 1 -30.78 -2.12 10.41
N LYS B 2 -29.70 -1.94 11.18
CA LYS B 2 -28.32 -2.13 10.68
C LYS B 2 -27.79 -3.52 11.10
N PRO B 3 -26.89 -4.11 10.30
CA PRO B 3 -26.18 -5.27 10.79
C PRO B 3 -25.36 -4.92 12.06
N LYS B 4 -24.99 -5.92 12.85
CA LYS B 4 -24.32 -5.73 14.13
C LYS B 4 -23.34 -6.83 14.30
N LEU B 5 -22.18 -6.51 14.84
CA LEU B 5 -21.36 -7.54 15.52
C LEU B 5 -21.96 -7.79 16.89
N LEU B 6 -21.82 -8.99 17.42
CA LEU B 6 -22.28 -9.34 18.76
C LEU B 6 -21.08 -9.80 19.56
N TYR B 7 -20.66 -8.99 20.53
CA TYR B 7 -19.40 -9.19 21.16
C TYR B 7 -19.49 -9.85 22.56
N CYS B 8 -19.00 -11.07 22.72
CA CYS B 8 -19.07 -11.67 24.06
C CYS B 8 -17.90 -11.20 24.96
N SER B 9 -18.15 -10.59 26.10
CA SER B 9 -17.04 -10.19 26.97
C SER B 9 -16.40 -11.36 27.76
N ASN B 10 -17.00 -12.56 27.82
CA ASN B 10 -16.31 -13.67 28.51
C ASN B 10 -14.89 -13.84 27.93
N GLY B 11 -14.71 -14.02 26.63
CA GLY B 11 -13.33 -13.97 26.13
C GLY B 11 -13.01 -12.86 25.13
N GLY B 12 -13.99 -12.05 24.78
CA GLY B 12 -13.81 -10.96 23.85
C GLY B 12 -13.86 -11.50 22.43
N HIS B 13 -14.93 -12.13 22.01
CA HIS B 13 -15.06 -12.78 20.66
C HIS B 13 -16.36 -12.30 20.07
N PHE B 14 -16.38 -12.02 18.77
CA PHE B 14 -17.63 -11.76 18.02
C PHE B 14 -18.30 -13.08 17.72
N LEU B 15 -19.65 -13.17 17.90
CA LEU B 15 -20.32 -14.41 17.62
C LEU B 15 -20.17 -14.64 16.17
N ARG B 16 -19.85 -15.87 15.74
CA ARG B 16 -19.60 -16.12 14.31
C ARG B 16 -20.44 -17.33 13.91
N ILE B 17 -21.06 -17.31 12.74
CA ILE B 17 -21.88 -18.44 12.25
C ILE B 17 -21.26 -18.89 10.95
N LEU B 18 -20.56 -19.98 10.97
CA LEU B 18 -19.82 -20.34 9.81
C LEU B 18 -20.76 -21.05 8.80
N PRO B 19 -20.43 -21.02 7.52
CA PRO B 19 -21.32 -21.66 6.55
C PRO B 19 -21.59 -23.14 6.82
N ASP B 20 -20.70 -23.87 7.46
CA ASP B 20 -20.99 -25.29 7.73
C ASP B 20 -21.99 -25.42 8.87
N GLY B 21 -22.33 -24.33 9.55
CA GLY B 21 -23.30 -24.35 10.63
C GLY B 21 -22.64 -24.42 12.02
N THR B 22 -21.31 -24.38 12.04
CA THR B 22 -20.50 -24.24 13.26
C THR B 22 -20.67 -22.82 13.77
N VAL B 23 -21.02 -22.69 15.05
CA VAL B 23 -21.15 -21.39 15.69
C VAL B 23 -19.98 -21.31 16.69
N ASP B 24 -19.25 -20.21 16.69
CA ASP B 24 -18.15 -20.06 17.63
C ASP B 24 -17.88 -18.59 17.81
N GLY B 25 -16.67 -18.24 18.27
CA GLY B 25 -16.29 -16.83 18.30
C GLY B 25 -14.95 -16.50 17.70
N THR B 26 -14.78 -15.23 17.32
CA THR B 26 -13.56 -14.80 16.71
C THR B 26 -13.21 -13.40 17.22
N ARG B 27 -11.90 -13.06 17.26
CA ARG B 27 -11.40 -11.69 17.44
C ARG B 27 -11.07 -10.97 16.12
N ASP B 28 -11.29 -11.60 14.98
CA ASP B 28 -10.97 -11.04 13.66
C ASP B 28 -12.19 -10.24 13.18
N ARG B 29 -12.10 -8.91 13.32
CA ARG B 29 -13.13 -7.97 12.87
C ARG B 29 -13.32 -8.00 11.34
N SER B 30 -12.34 -8.53 10.63
CA SER B 30 -12.42 -8.74 9.20
C SER B 30 -13.24 -9.96 8.87
N ASP B 31 -13.63 -10.75 9.85
CA ASP B 31 -14.23 -12.01 9.48
C ASP B 31 -15.59 -11.71 8.78
N GLN B 32 -16.01 -12.56 7.85
CA GLN B 32 -17.23 -12.31 7.05
C GLN B 32 -18.48 -12.88 7.64
N HIS B 33 -18.30 -13.72 8.64
CA HIS B 33 -19.43 -14.42 9.18
C HIS B 33 -19.81 -13.92 10.57
N ILE B 34 -19.42 -12.72 10.93
CA ILE B 34 -19.78 -12.12 12.22
C ILE B 34 -20.77 -10.93 12.11
N GLN B 35 -21.04 -10.43 10.88
CA GLN B 35 -22.01 -9.33 10.70
C GLN B 35 -23.39 -9.93 10.78
N LEU B 36 -24.22 -9.47 11.72
CA LEU B 36 -25.44 -10.20 12.10
C LEU B 36 -26.64 -9.30 11.96
N GLN B 37 -27.72 -9.82 11.39
CA GLN B 37 -28.92 -9.01 11.24
C GLN B 37 -29.99 -9.54 12.18
N LEU B 38 -30.45 -8.66 13.06
CA LEU B 38 -31.52 -9.01 14.03
C LEU B 38 -32.81 -8.51 13.48
N SER B 39 -33.85 -9.28 13.67
CA SER B 39 -35.16 -8.91 13.22
C SER B 39 -36.11 -9.43 14.25
N ALA B 40 -37.06 -8.58 14.61
CA ALA B 40 -38.06 -8.92 15.59
C ALA B 40 -39.25 -9.65 14.97
N GLU B 41 -39.42 -10.92 15.35
CA GLU B 41 -40.70 -11.63 15.13
C GLU B 41 -41.88 -10.90 15.90
N SER B 42 -41.75 -10.86 17.22
CA SER B 42 -42.61 -10.13 18.12
C SER B 42 -41.68 -9.23 18.88
N VAL B 43 -42.20 -8.41 19.80
CA VAL B 43 -41.36 -7.41 20.54
C VAL B 43 -40.15 -7.98 21.32
N GLY B 44 -40.32 -9.07 22.06
CA GLY B 44 -39.13 -9.56 22.79
C GLY B 44 -38.25 -10.59 22.07
N GLU B 45 -38.58 -10.91 20.81
CA GLU B 45 -38.21 -12.17 20.16
C GLU B 45 -37.57 -11.93 18.79
N VAL B 46 -36.38 -12.47 18.59
CA VAL B 46 -35.52 -12.09 17.46
C VAL B 46 -34.98 -13.28 16.68
N TYR B 47 -34.89 -13.15 15.36
CA TYR B 47 -33.92 -13.98 14.67
C TYR B 47 -32.60 -13.27 14.63
N ILE B 48 -31.54 -14.07 14.58
CA ILE B 48 -30.17 -13.59 14.47
C ILE B 48 -29.63 -14.28 13.24
N LYS B 49 -29.46 -13.52 12.15
CA LYS B 49 -29.21 -14.10 10.81
C LYS B 49 -27.86 -13.55 10.24
N SER B 50 -26.99 -14.43 9.72
CA SER B 50 -25.77 -13.98 9.09
C SER B 50 -26.12 -13.11 7.83
N THR B 51 -25.59 -11.89 7.76
CA THR B 51 -25.76 -11.07 6.52
C THR B 51 -24.99 -11.61 5.29
N GLU B 52 -24.00 -12.45 5.52
CA GLU B 52 -23.15 -12.97 4.45
C GLU B 52 -23.82 -14.19 3.90
N THR B 53 -24.18 -15.16 4.76
CA THR B 53 -24.66 -16.46 4.31
C THR B 53 -26.17 -16.52 4.38
N GLY B 54 -26.76 -15.58 5.11
CA GLY B 54 -28.20 -15.68 5.40
C GLY B 54 -28.59 -16.84 6.30
N GLN B 55 -27.65 -17.39 7.08
CA GLN B 55 -28.00 -18.49 8.03
C GLN B 55 -28.41 -17.97 9.42
N TYR B 56 -29.29 -18.69 10.10
CA TYR B 56 -29.83 -18.31 11.42
C TYR B 56 -29.16 -19.03 12.61
N LEU B 57 -28.90 -18.28 13.68
CA LEU B 57 -28.48 -18.84 14.94
C LEU B 57 -29.65 -19.71 15.44
N ALA B 58 -29.35 -20.91 15.93
CA ALA B 58 -30.39 -21.79 16.40
C ALA B 58 -29.75 -22.64 17.50
N MET B 59 -30.57 -23.27 18.33
CA MET B 59 -30.07 -24.13 19.40
C MET B 59 -30.81 -25.44 19.39
N ASP B 60 -30.11 -26.55 19.32
CA ASP B 60 -30.75 -27.90 19.25
C ASP B 60 -31.18 -28.42 20.68
N THR B 61 -31.80 -29.59 20.72
CA THR B 61 -32.38 -30.10 21.97
C THR B 61 -31.34 -30.40 23.07
N ASP B 62 -30.07 -30.39 22.70
CA ASP B 62 -28.99 -30.66 23.63
C ASP B 62 -28.34 -29.39 24.17
N GLY B 63 -28.84 -28.25 23.70
CA GLY B 63 -28.27 -26.97 24.09
C GLY B 63 -27.14 -26.42 23.22
N LEU B 64 -26.88 -27.07 22.10
CA LEU B 64 -25.80 -26.66 21.17
C LEU B 64 -26.22 -25.61 20.17
N LEU B 65 -25.38 -24.59 19.99
CA LEU B 65 -25.57 -23.59 18.92
C LEU B 65 -25.20 -24.08 17.53
N TYR B 66 -26.05 -23.73 16.60
CA TYR B 66 -25.80 -24.14 15.22
C TYR B 66 -26.34 -23.07 14.27
N GLY B 67 -25.87 -23.08 13.02
CA GLY B 67 -26.34 -22.12 12.01
C GLY B 67 -27.27 -22.91 11.12
N SER B 68 -28.54 -22.49 11.12
CA SER B 68 -29.58 -23.07 10.34
C SER B 68 -29.73 -22.35 8.99
N GLN B 69 -29.90 -23.14 7.93
CA GLN B 69 -30.04 -22.62 6.61
C GLN B 69 -31.42 -22.03 6.36
N THR B 70 -32.37 -22.46 7.17
CA THR B 70 -33.72 -21.97 7.06
C THR B 70 -34.28 -21.67 8.43
N PRO B 71 -35.20 -20.68 8.52
CA PRO B 71 -35.78 -20.39 9.85
C PRO B 71 -36.71 -21.53 10.35
N ASN B 72 -36.85 -21.65 11.66
CA ASN B 72 -37.69 -22.68 12.33
C ASN B 72 -37.84 -22.28 13.81
N GLU B 73 -38.52 -23.11 14.60
CA GLU B 73 -38.74 -22.82 16.03
C GLU B 73 -37.49 -22.71 16.87
N GLU B 74 -36.40 -23.32 16.38
CA GLU B 74 -35.09 -23.33 17.07
C GLU B 74 -34.27 -22.07 16.84
N CYS B 75 -34.74 -21.20 15.95
CA CYS B 75 -34.08 -19.95 15.61
C CYS B 75 -34.55 -18.71 16.41
N LEU B 76 -35.54 -18.86 17.28
CA LEU B 76 -36.08 -17.73 17.99
C LEU B 76 -35.46 -17.63 19.35
N PHE B 77 -35.19 -16.40 19.75
CA PHE B 77 -34.44 -16.05 20.95
C PHE B 77 -35.17 -14.89 21.55
N LEU B 78 -35.22 -14.86 22.87
CA LEU B 78 -35.85 -13.81 23.66
C LEU B 78 -34.69 -12.88 24.02
N GLU B 79 -34.79 -11.60 23.66
CA GLU B 79 -33.68 -10.69 23.84
C GLU B 79 -33.94 -9.91 25.09
N ARG B 80 -32.97 -9.80 25.96
CA ARG B 80 -33.18 -9.04 27.19
C ARG B 80 -32.02 -8.02 27.31
N LEU B 81 -32.35 -6.84 27.82
CA LEU B 81 -31.43 -5.69 28.02
C LEU B 81 -30.76 -5.85 29.39
N GLU B 82 -29.43 -5.86 29.43
CA GLU B 82 -28.69 -5.98 30.69
C GLU B 82 -28.07 -4.66 31.14
N GLU B 83 -27.45 -4.69 32.28
CA GLU B 83 -26.87 -3.51 32.85
C GLU B 83 -26.18 -2.62 31.82
N ASN B 84 -24.96 -2.94 31.46
CA ASN B 84 -24.16 -2.03 30.68
C ASN B 84 -24.30 -2.05 29.18
N HIS B 85 -25.50 -2.12 28.66
CA HIS B 85 -25.73 -2.12 27.22
C HIS B 85 -25.49 -3.48 26.63
N TYR B 86 -25.13 -4.44 27.47
CA TYR B 86 -25.06 -5.87 27.08
C TYR B 86 -26.44 -6.48 26.92
N ASN B 87 -26.61 -7.39 25.94
CA ASN B 87 -27.88 -8.15 25.87
C ASN B 87 -27.72 -9.59 26.33
N THR B 88 -28.81 -10.26 26.68
CA THR B 88 -28.82 -11.74 26.71
C THR B 88 -29.80 -12.29 25.71
N TYR B 89 -29.64 -13.58 25.37
CA TYR B 89 -30.42 -14.23 24.33
C TYR B 89 -30.74 -15.61 24.85
N ILE B 90 -32.02 -15.83 25.19
CA ILE B 90 -32.40 -17.14 25.69
C ILE B 90 -33.23 -17.79 24.64
N SER B 91 -33.03 -19.10 24.48
CA SER B 91 -33.72 -19.84 23.47
C SER B 91 -35.19 -19.79 23.86
N LYS B 92 -36.03 -19.30 22.96
CA LYS B 92 -37.43 -19.30 23.18
C LYS B 92 -37.83 -20.74 23.42
N LYS B 93 -37.48 -21.64 22.50
CA LYS B 93 -37.95 -23.04 22.55
C LYS B 93 -37.62 -23.79 23.85
N HIS B 94 -36.56 -23.35 24.51
CA HIS B 94 -36.14 -23.92 25.78
C HIS B 94 -36.02 -22.79 26.81
N ALA B 95 -36.92 -21.80 26.75
CA ALA B 95 -36.87 -20.73 27.74
C ALA B 95 -37.14 -21.20 29.18
N GLU B 96 -37.92 -22.27 29.35
CA GLU B 96 -38.28 -22.72 30.70
C GLU B 96 -37.04 -23.18 31.47
N LYS B 97 -36.01 -23.59 30.74
CA LYS B 97 -34.82 -24.18 31.27
C LYS B 97 -33.79 -23.08 31.47
N ASN B 98 -34.03 -21.93 30.84
CA ASN B 98 -33.15 -20.76 30.90
C ASN B 98 -31.86 -20.97 30.12
N TRP B 99 -31.94 -21.60 28.95
CA TRP B 99 -30.73 -21.87 28.22
C TRP B 99 -30.39 -20.62 27.37
N PHE B 100 -29.13 -20.12 27.47
CA PHE B 100 -28.68 -18.90 26.84
C PHE B 100 -27.67 -19.26 25.72
N VAL B 101 -27.61 -18.39 24.71
CA VAL B 101 -26.47 -18.22 23.86
C VAL B 101 -25.30 -17.79 24.73
N GLY B 102 -24.17 -18.48 24.60
CA GLY B 102 -22.98 -18.19 25.36
C GLY B 102 -21.78 -18.74 24.68
N LEU B 103 -20.64 -18.12 24.94
CA LEU B 103 -19.32 -18.56 24.39
C LEU B 103 -18.35 -18.68 25.56
N LYS B 104 -17.58 -19.75 25.57
CA LYS B 104 -16.49 -19.95 26.57
C LYS B 104 -15.39 -18.89 26.36
N LYS B 105 -14.40 -18.86 27.24
CA LYS B 105 -13.28 -17.93 27.11
C LYS B 105 -12.36 -18.30 25.97
N ASN B 106 -12.39 -19.56 25.51
CA ASN B 106 -11.61 -19.94 24.29
C ASN B 106 -12.31 -19.63 22.96
N GLY B 107 -13.54 -19.10 23.03
CA GLY B 107 -14.32 -18.81 21.84
C GLY B 107 -15.25 -19.91 21.35
N SER B 108 -15.16 -21.08 21.96
CA SER B 108 -16.12 -22.17 21.81
C SER B 108 -17.49 -21.80 22.34
N CYS B 109 -18.51 -22.45 21.82
CA CYS B 109 -19.82 -22.22 22.41
C CYS B 109 -20.00 -23.05 23.68
N LYS B 110 -20.65 -22.43 24.64
CA LYS B 110 -20.99 -22.99 25.90
C LYS B 110 -22.41 -23.45 25.63
N ARG B 111 -22.73 -24.70 25.92
CA ARG B 111 -24.05 -25.20 25.62
C ARG B 111 -25.03 -24.73 26.68
N GLY B 112 -26.31 -24.65 26.29
CA GLY B 112 -27.41 -24.20 27.16
C GLY B 112 -27.46 -24.65 28.59
N PRO B 113 -27.39 -25.98 28.86
CA PRO B 113 -27.52 -26.37 30.25
C PRO B 113 -26.33 -26.02 31.14
N ARG B 114 -25.20 -25.70 30.51
CA ARG B 114 -24.00 -25.21 31.20
C ARG B 114 -23.96 -23.70 31.30
N THR B 115 -25.03 -23.01 30.86
CA THR B 115 -25.11 -21.55 31.01
C THR B 115 -26.00 -21.25 32.19
N HIS B 116 -25.83 -20.05 32.72
CA HIS B 116 -26.64 -19.59 33.82
C HIS B 116 -26.48 -18.08 33.94
N TYR B 117 -27.53 -17.42 34.40
CA TYR B 117 -27.48 -15.98 34.65
C TYR B 117 -26.37 -15.53 35.62
N GLY B 118 -25.61 -14.52 35.23
CA GLY B 118 -24.51 -14.07 36.07
C GLY B 118 -23.14 -14.38 35.47
N GLN B 119 -23.12 -15.27 34.49
CA GLN B 119 -21.94 -15.53 33.66
C GLN B 119 -21.68 -14.44 32.60
N LYS B 120 -20.41 -14.29 32.18
CA LYS B 120 -19.99 -13.36 31.16
C LYS B 120 -20.14 -14.08 29.87
N ALA B 121 -20.17 -15.39 29.95
CA ALA B 121 -20.38 -16.22 28.76
C ALA B 121 -21.63 -15.87 27.97
N ILE B 122 -22.66 -15.33 28.63
CA ILE B 122 -23.99 -15.07 28.01
C ILE B 122 -24.23 -13.57 27.70
N LEU B 123 -23.25 -12.73 28.02
CA LEU B 123 -23.41 -11.30 27.87
C LEU B 123 -22.89 -10.86 26.51
N PHE B 124 -23.76 -10.26 25.70
CA PHE B 124 -23.39 -9.84 24.31
C PHE B 124 -23.67 -8.35 24.05
N LEU B 125 -22.58 -7.62 23.80
CA LEU B 125 -22.61 -6.23 23.47
C LEU B 125 -22.84 -5.98 21.97
N PRO B 126 -24.03 -5.46 21.58
CA PRO B 126 -24.36 -5.23 20.18
C PRO B 126 -23.60 -4.06 19.54
N LEU B 127 -22.75 -4.32 18.55
CA LEU B 127 -21.94 -3.23 17.96
C LEU B 127 -22.35 -2.82 16.52
N PRO B 128 -23.24 -1.81 16.34
CA PRO B 128 -23.59 -1.53 14.93
C PRO B 128 -22.40 -1.27 14.01
N VAL B 129 -22.24 -2.10 12.98
CA VAL B 129 -21.13 -1.95 12.04
C VAL B 129 -21.49 -0.95 10.95
N SER B 130 -20.77 0.16 10.91
CA SER B 130 -21.00 1.20 9.91
C SER B 130 -22.20 2.07 10.29
N LYS C 1 -49.26 -7.82 6.62
CA LYS C 1 -48.54 -8.49 5.47
C LYS C 1 -49.26 -9.80 5.08
N LYS C 2 -49.46 -10.05 3.79
CA LYS C 2 -50.25 -11.24 3.41
C LYS C 2 -49.61 -12.18 2.38
N PRO C 3 -49.18 -13.37 2.82
CA PRO C 3 -48.56 -14.36 1.90
C PRO C 3 -49.46 -14.71 0.70
N LYS C 4 -48.85 -14.90 -0.48
CA LYS C 4 -49.57 -15.17 -1.75
C LYS C 4 -48.96 -16.32 -2.53
N LEU C 5 -49.77 -16.93 -3.38
CA LEU C 5 -49.30 -17.80 -4.45
C LEU C 5 -49.23 -16.89 -5.68
N LEU C 6 -48.26 -17.12 -6.56
CA LEU C 6 -48.21 -16.41 -7.82
C LEU C 6 -48.41 -17.53 -8.83
N TYR C 7 -49.55 -17.48 -9.47
CA TYR C 7 -49.95 -18.47 -10.45
C TYR C 7 -49.67 -17.98 -11.84
N CYS C 8 -48.91 -18.78 -12.57
CA CYS C 8 -48.59 -18.55 -13.97
C CYS C 8 -49.53 -19.27 -14.95
N SER C 9 -50.22 -18.45 -15.72
CA SER C 9 -51.11 -18.77 -16.81
C SER C 9 -50.49 -19.61 -17.94
N ASN C 10 -49.19 -19.44 -18.16
CA ASN C 10 -48.40 -20.31 -19.00
C ASN C 10 -48.05 -21.66 -18.32
N GLY C 11 -48.80 -22.69 -18.71
CA GLY C 11 -48.64 -23.97 -18.07
C GLY C 11 -49.56 -24.22 -16.90
N GLY C 12 -49.93 -23.18 -16.19
CA GLY C 12 -50.81 -23.31 -15.03
C GLY C 12 -50.06 -23.74 -13.77
N HIS C 13 -48.92 -23.10 -13.52
CA HIS C 13 -47.97 -23.47 -12.45
C HIS C 13 -47.89 -22.36 -11.42
N PHE C 14 -47.79 -22.75 -10.15
CA PHE C 14 -47.47 -21.85 -9.03
C PHE C 14 -45.97 -21.72 -8.88
N LEU C 15 -45.47 -20.48 -8.84
CA LEU C 15 -44.05 -20.15 -8.74
C LEU C 15 -43.47 -20.76 -7.46
N ARG C 16 -42.42 -21.55 -7.62
CA ARG C 16 -41.83 -22.24 -6.49
C ARG C 16 -40.35 -21.89 -6.37
N ILE C 17 -39.93 -21.71 -5.14
CA ILE C 17 -38.52 -21.53 -4.83
C ILE C 17 -38.03 -22.74 -4.01
N LEU C 18 -37.22 -23.58 -4.64
CA LEU C 18 -36.72 -24.79 -3.98
C LEU C 18 -35.56 -24.52 -2.99
N PRO C 19 -35.34 -25.45 -2.01
CA PRO C 19 -34.27 -25.41 -1.02
C PRO C 19 -32.84 -25.16 -1.54
N ASP C 20 -32.50 -25.77 -2.68
CA ASP C 20 -31.18 -25.66 -3.29
C ASP C 20 -31.06 -24.43 -4.15
N GLY C 21 -32.06 -23.55 -4.06
CA GLY C 21 -32.05 -22.29 -4.78
C GLY C 21 -32.54 -22.36 -6.22
N THR C 22 -33.05 -23.51 -6.59
CA THR C 22 -33.67 -23.68 -7.87
C THR C 22 -35.02 -22.99 -7.80
N VAL C 23 -35.37 -22.31 -8.89
CA VAL C 23 -36.72 -21.72 -9.07
C VAL C 23 -37.49 -22.37 -10.25
N ASP C 24 -38.74 -22.79 -10.00
CA ASP C 24 -39.57 -23.40 -11.05
C ASP C 24 -41.05 -23.18 -10.73
N GLY C 25 -41.92 -23.98 -11.30
CA GLY C 25 -43.34 -23.81 -11.04
C GLY C 25 -43.81 -25.21 -10.73
N THR C 26 -44.82 -25.37 -9.89
CA THR C 26 -45.48 -26.68 -9.69
C THR C 26 -47.01 -26.51 -9.64
N ARG C 27 -47.74 -27.55 -9.99
CA ARG C 27 -49.18 -27.49 -9.91
C ARG C 27 -49.69 -27.98 -8.52
N ASP C 28 -48.84 -28.60 -7.70
CA ASP C 28 -49.21 -29.03 -6.33
C ASP C 28 -49.35 -27.82 -5.40
N ARG C 29 -50.61 -27.50 -5.13
CA ARG C 29 -51.07 -26.50 -4.16
C ARG C 29 -50.70 -26.79 -2.70
N SER C 30 -50.49 -28.06 -2.33
CA SER C 30 -50.06 -28.43 -1.01
C SER C 30 -48.53 -28.38 -0.86
N ASP C 31 -47.82 -28.06 -1.94
CA ASP C 31 -46.35 -27.79 -1.87
C ASP C 31 -46.03 -26.62 -0.93
N GLN C 32 -45.11 -26.89 -0.01
CA GLN C 32 -44.74 -25.94 1.04
C GLN C 32 -43.92 -24.74 0.60
N HIS C 33 -43.44 -24.73 -0.65
CA HIS C 33 -42.44 -23.77 -1.11
C HIS C 33 -42.98 -22.76 -2.13
N ILE C 34 -44.30 -22.74 -2.27
CA ILE C 34 -44.98 -21.83 -3.18
C ILE C 34 -45.62 -20.62 -2.50
N GLN C 35 -45.73 -20.65 -1.18
CA GLN C 35 -46.25 -19.56 -0.36
C GLN C 35 -45.23 -18.43 -0.29
N LEU C 36 -45.54 -17.32 -0.92
CA LEU C 36 -44.62 -16.20 -1.02
C LEU C 36 -45.16 -15.02 -0.27
N GLN C 37 -44.22 -14.24 0.25
CA GLN C 37 -44.47 -13.02 0.96
C GLN C 37 -43.94 -11.93 0.04
N LEU C 38 -44.79 -10.98 -0.33
CA LEU C 38 -44.29 -9.87 -1.09
C LEU C 38 -44.12 -8.71 -0.15
N SER C 39 -43.01 -8.01 -0.28
CA SER C 39 -42.90 -6.75 0.47
C SER C 39 -42.38 -5.66 -0.44
N ALA C 40 -42.75 -4.42 -0.13
CA ALA C 40 -42.56 -3.36 -1.04
C ALA C 40 -41.57 -2.37 -0.47
N GLU C 41 -40.52 -2.15 -1.27
CA GLU C 41 -39.43 -1.22 -1.03
C GLU C 41 -39.98 0.21 -1.22
N SER C 42 -39.98 0.69 -2.45
CA SER C 42 -40.85 1.80 -2.83
C SER C 42 -42.12 1.24 -3.47
N VAL C 43 -42.99 2.09 -4.02
CA VAL C 43 -44.36 1.65 -4.36
C VAL C 43 -44.52 0.46 -5.34
N GLY C 44 -44.02 0.51 -6.56
CA GLY C 44 -44.17 -0.75 -7.37
C GLY C 44 -42.97 -1.67 -7.46
N GLU C 45 -42.16 -1.70 -6.39
CA GLU C 45 -41.01 -2.58 -6.23
C GLU C 45 -41.17 -3.53 -5.08
N VAL C 46 -40.99 -4.81 -5.37
CA VAL C 46 -41.15 -5.85 -4.37
C VAL C 46 -39.93 -6.73 -4.27
N TYR C 47 -39.72 -7.28 -3.08
CA TYR C 47 -39.06 -8.55 -2.85
C TYR C 47 -40.10 -9.62 -2.79
N ILE C 48 -39.75 -10.77 -3.29
CA ILE C 48 -40.58 -11.98 -3.28
C ILE C 48 -39.80 -13.07 -2.45
N LYS C 49 -40.30 -13.38 -1.25
CA LYS C 49 -39.64 -14.29 -0.28
C LYS C 49 -40.44 -15.56 -0.03
N SER C 50 -39.76 -16.70 0.03
CA SER C 50 -40.38 -17.99 0.39
C SER C 50 -40.64 -17.97 1.87
N THR C 51 -41.88 -18.21 2.25
CA THR C 51 -42.24 -18.17 3.65
C THR C 51 -41.62 -19.37 4.44
N GLU C 52 -41.37 -20.50 3.74
CA GLU C 52 -40.72 -21.68 4.29
C GLU C 52 -39.17 -21.57 4.38
N THR C 53 -38.52 -20.98 3.38
CA THR C 53 -37.06 -20.97 3.43
C THR C 53 -36.44 -19.60 3.76
N GLY C 54 -37.20 -18.54 3.55
CA GLY C 54 -36.69 -17.20 3.70
C GLY C 54 -35.78 -16.83 2.55
N GLN C 55 -35.76 -17.63 1.49
CA GLN C 55 -35.04 -17.24 0.28
C GLN C 55 -35.79 -16.17 -0.48
N TYR C 56 -35.02 -15.32 -1.15
CA TYR C 56 -35.58 -14.33 -2.13
C TYR C 56 -35.51 -14.80 -3.56
N LEU C 57 -36.60 -14.65 -4.31
CA LEU C 57 -36.51 -14.55 -5.79
C LEU C 57 -35.41 -13.60 -6.29
N ALA C 58 -34.57 -14.08 -7.19
CA ALA C 58 -33.60 -13.21 -7.79
C ALA C 58 -33.30 -13.61 -9.20
N MET C 59 -32.78 -12.65 -9.98
CA MET C 59 -32.24 -12.91 -11.31
C MET C 59 -30.76 -12.46 -11.41
N ASP C 60 -29.87 -13.29 -12.01
CA ASP C 60 -28.43 -13.00 -12.14
C ASP C 60 -28.05 -12.19 -13.42
N THR C 61 -26.76 -12.01 -13.66
CA THR C 61 -26.32 -11.05 -14.67
C THR C 61 -26.51 -11.54 -16.10
N ASP C 62 -26.98 -12.78 -16.22
CA ASP C 62 -27.28 -13.41 -17.49
C ASP C 62 -28.74 -13.88 -17.49
N GLY C 63 -29.57 -13.37 -16.58
CA GLY C 63 -30.99 -13.54 -16.71
C GLY C 63 -31.50 -14.81 -16.06
N LEU C 64 -30.61 -15.54 -15.36
CA LEU C 64 -31.06 -16.75 -14.62
C LEU C 64 -31.75 -16.49 -13.28
N LEU C 65 -32.88 -17.17 -13.10
CA LEU C 65 -33.64 -17.07 -11.85
C LEU C 65 -33.02 -18.04 -10.87
N TYR C 66 -32.88 -17.56 -9.63
CA TYR C 66 -32.36 -18.36 -8.50
C TYR C 66 -33.00 -17.82 -7.21
N GLY C 67 -32.93 -18.66 -6.18
CA GLY C 67 -33.27 -18.25 -4.84
C GLY C 67 -32.01 -17.75 -4.11
N SER C 68 -32.05 -16.48 -3.69
CA SER C 68 -31.00 -15.85 -2.93
C SER C 68 -31.28 -16.09 -1.43
N GLN C 69 -30.24 -16.37 -0.66
CA GLN C 69 -30.40 -16.55 0.77
C GLN C 69 -30.33 -15.22 1.53
N THR C 70 -29.89 -14.15 0.85
CA THR C 70 -29.92 -12.83 1.42
C THR C 70 -30.54 -11.82 0.44
N PRO C 71 -31.20 -10.76 0.96
CA PRO C 71 -31.71 -9.67 0.13
C PRO C 71 -30.58 -8.83 -0.43
N ASN C 72 -30.60 -8.59 -1.73
CA ASN C 72 -29.58 -7.73 -2.31
C ASN C 72 -30.26 -7.05 -3.45
N GLU C 73 -29.51 -6.31 -4.25
CA GLU C 73 -30.12 -5.59 -5.39
C GLU C 73 -30.73 -6.45 -6.55
N GLU C 74 -30.35 -7.71 -6.65
CA GLU C 74 -30.85 -8.61 -7.70
C GLU C 74 -32.17 -9.26 -7.32
N CYS C 75 -32.73 -8.85 -6.19
CA CYS C 75 -33.95 -9.44 -5.62
C CYS C 75 -35.14 -8.51 -5.80
N LEU C 76 -34.87 -7.36 -6.41
CA LEU C 76 -35.85 -6.29 -6.61
C LEU C 76 -36.50 -6.36 -7.99
N PHE C 77 -37.82 -6.31 -7.99
CA PHE C 77 -38.58 -6.54 -9.21
C PHE C 77 -39.58 -5.43 -9.24
N LEU C 78 -39.76 -4.92 -10.46
CA LEU C 78 -40.79 -3.95 -10.76
C LEU C 78 -42.11 -4.77 -10.97
N GLU C 79 -43.03 -4.68 -10.01
CA GLU C 79 -44.37 -5.28 -10.15
C GLU C 79 -45.28 -4.37 -10.95
N ARG C 80 -45.82 -4.90 -12.04
CA ARG C 80 -46.58 -4.08 -12.98
C ARG C 80 -47.88 -4.78 -13.35
N LEU C 81 -49.00 -4.14 -13.04
CA LEU C 81 -50.33 -4.63 -13.34
C LEU C 81 -50.55 -4.61 -14.82
N GLU C 82 -50.97 -5.76 -15.34
CA GLU C 82 -51.29 -5.84 -16.75
C GLU C 82 -52.75 -5.69 -17.02
N GLU C 83 -53.02 -5.39 -18.29
CA GLU C 83 -54.32 -4.99 -18.80
C GLU C 83 -55.43 -5.97 -18.37
N ASN C 84 -55.02 -7.20 -18.04
CA ASN C 84 -55.87 -8.33 -17.64
C ASN C 84 -55.83 -8.70 -16.12
N HIS C 85 -55.05 -7.96 -15.32
CA HIS C 85 -55.01 -8.10 -13.82
C HIS C 85 -54.04 -9.12 -13.21
N TYR C 86 -53.30 -9.73 -14.13
CA TYR C 86 -52.18 -10.53 -13.83
C TYR C 86 -51.07 -9.47 -13.70
N ASN C 87 -50.01 -9.78 -12.98
CA ASN C 87 -48.90 -8.89 -12.82
C ASN C 87 -47.71 -9.41 -13.63
N THR C 88 -46.87 -8.51 -14.16
CA THR C 88 -45.53 -8.87 -14.63
C THR C 88 -44.46 -8.43 -13.63
N TYR C 89 -43.36 -9.17 -13.58
CA TYR C 89 -42.29 -8.95 -12.65
C TYR C 89 -40.99 -8.76 -13.43
N ILE C 90 -40.56 -7.53 -13.52
CA ILE C 90 -39.33 -7.30 -14.17
C ILE C 90 -38.18 -7.02 -13.17
N SER C 91 -37.03 -7.60 -13.42
CA SER C 91 -35.79 -7.26 -12.73
C SER C 91 -35.55 -5.75 -12.66
N LYS C 92 -35.55 -5.17 -11.44
CA LYS C 92 -35.14 -3.77 -11.35
C LYS C 92 -33.70 -3.57 -11.87
N LYS C 93 -32.79 -4.41 -11.44
CA LYS C 93 -31.42 -4.29 -11.96
C LYS C 93 -31.29 -4.30 -13.50
N HIS C 94 -32.04 -5.16 -14.16
CA HIS C 94 -31.84 -5.32 -15.60
C HIS C 94 -33.07 -4.83 -16.35
N ALA C 95 -33.80 -3.89 -15.74
CA ALA C 95 -35.11 -3.42 -16.22
C ALA C 95 -34.98 -2.80 -17.64
N GLU C 96 -33.90 -2.04 -17.85
CA GLU C 96 -33.57 -1.44 -19.15
C GLU C 96 -33.35 -2.54 -20.21
N LYS C 97 -33.26 -3.82 -19.77
CA LYS C 97 -33.05 -4.94 -20.71
C LYS C 97 -34.34 -5.72 -20.88
N ASN C 98 -35.37 -5.30 -20.13
CA ASN C 98 -36.67 -5.97 -20.02
C ASN C 98 -36.65 -7.47 -19.65
N TRP C 99 -35.99 -7.79 -18.52
CA TRP C 99 -35.85 -9.15 -18.13
C TRP C 99 -36.94 -9.43 -17.16
N PHE C 100 -37.92 -10.20 -17.59
CA PHE C 100 -39.06 -10.55 -16.70
C PHE C 100 -38.87 -11.90 -15.97
N VAL C 101 -39.49 -12.07 -14.81
CA VAL C 101 -39.69 -13.41 -14.27
C VAL C 101 -40.69 -14.18 -15.19
N GLY C 102 -40.39 -15.42 -15.55
CA GLY C 102 -41.24 -16.16 -16.53
C GLY C 102 -41.18 -17.65 -16.27
N LEU C 103 -42.29 -18.37 -16.36
CA LEU C 103 -42.24 -19.84 -16.47
C LEU C 103 -42.69 -20.32 -17.83
N LYS C 104 -42.09 -21.45 -18.27
CA LYS C 104 -42.44 -22.12 -19.53
C LYS C 104 -43.63 -23.04 -19.30
N LYS C 105 -44.28 -23.45 -20.37
CA LYS C 105 -45.44 -24.35 -20.32
C LYS C 105 -45.21 -25.68 -19.57
N ASN C 106 -43.95 -26.11 -19.45
CA ASN C 106 -43.60 -27.30 -18.67
C ASN C 106 -43.19 -26.96 -17.25
N GLY C 107 -43.17 -25.67 -16.89
CA GLY C 107 -42.98 -25.30 -15.49
C GLY C 107 -41.60 -24.88 -15.05
N SER C 108 -40.59 -25.05 -15.90
CA SER C 108 -39.27 -24.58 -15.57
C SER C 108 -39.16 -23.10 -15.92
N CYS C 109 -38.22 -22.43 -15.29
CA CYS C 109 -38.06 -20.97 -15.36
C CYS C 109 -37.57 -20.53 -16.74
N LYS C 110 -37.95 -19.34 -17.17
CA LYS C 110 -37.44 -18.80 -18.46
C LYS C 110 -36.20 -17.97 -18.17
N ARG C 111 -35.19 -17.97 -19.01
CA ARG C 111 -34.10 -16.97 -18.84
C ARG C 111 -34.58 -15.57 -19.24
N GLY C 112 -34.31 -14.60 -18.39
CA GLY C 112 -34.44 -13.17 -18.71
C GLY C 112 -34.45 -12.75 -20.16
N PRO C 113 -33.34 -12.95 -20.91
CA PRO C 113 -33.33 -12.66 -22.36
C PRO C 113 -34.30 -13.42 -23.30
N ARG C 114 -35.02 -14.42 -22.79
CA ARG C 114 -35.94 -15.13 -23.68
C ARG C 114 -37.32 -14.73 -23.30
N THR C 115 -37.42 -13.75 -22.40
CA THR C 115 -38.72 -13.16 -22.06
C THR C 115 -38.90 -11.85 -22.85
N HIS C 116 -40.15 -11.56 -23.22
CA HIS C 116 -40.56 -10.23 -23.67
C HIS C 116 -42.08 -9.92 -23.47
N TYR C 117 -42.45 -8.64 -23.50
CA TYR C 117 -43.85 -8.19 -23.55
C TYR C 117 -44.75 -8.98 -24.52
N GLY C 118 -45.81 -9.57 -23.97
CA GLY C 118 -46.80 -10.23 -24.81
C GLY C 118 -46.91 -11.70 -24.53
N GLN C 119 -45.96 -12.21 -23.76
CA GLN C 119 -45.83 -13.62 -23.45
C GLN C 119 -46.76 -13.98 -22.29
N LYS C 120 -47.49 -15.09 -22.42
CA LYS C 120 -48.17 -15.70 -21.27
C LYS C 120 -47.20 -16.11 -20.18
N ALA C 121 -45.92 -16.25 -20.54
CA ALA C 121 -44.88 -16.74 -19.67
C ALA C 121 -44.68 -15.84 -18.45
N ILE C 122 -44.78 -14.55 -18.70
CA ILE C 122 -44.48 -13.52 -17.71
C ILE C 122 -45.68 -13.04 -16.84
N LEU C 123 -46.83 -13.67 -17.01
CA LEU C 123 -48.06 -13.20 -16.39
C LEU C 123 -48.41 -14.08 -15.21
N PHE C 124 -48.47 -13.41 -14.04
CA PHE C 124 -48.68 -14.08 -12.77
C PHE C 124 -49.84 -13.46 -12.03
N LEU C 125 -50.76 -14.31 -11.58
CA LEU C 125 -51.88 -13.86 -10.83
C LEU C 125 -51.58 -14.05 -9.32
N PRO C 126 -51.53 -12.96 -8.56
CA PRO C 126 -51.35 -13.06 -7.09
C PRO C 126 -52.62 -13.55 -6.37
N LEU C 127 -52.48 -14.58 -5.54
CA LEU C 127 -53.61 -15.20 -4.92
C LEU C 127 -53.34 -15.18 -3.42
N PRO C 128 -53.90 -14.19 -2.72
CA PRO C 128 -53.71 -14.18 -1.27
C PRO C 128 -54.28 -15.40 -0.56
N VAL C 129 -53.52 -15.91 0.41
CA VAL C 129 -53.82 -17.20 1.07
C VAL C 129 -55.03 -17.19 2.02
N SER C 130 -55.59 -18.38 2.25
CA SER C 130 -56.68 -18.63 3.19
C SER C 130 -56.76 -17.61 4.35
N LYS D 1 29.30 8.02 6.43
CA LYS D 1 30.25 7.38 5.43
C LYS D 1 30.01 5.87 5.36
N LYS D 2 29.95 5.34 4.15
CA LYS D 2 29.63 3.94 3.94
C LYS D 2 30.65 3.33 3.00
N PRO D 3 30.97 2.05 3.19
CA PRO D 3 31.71 1.38 2.11
C PRO D 3 30.83 1.14 0.88
N LYS D 4 31.47 0.96 -0.25
CA LYS D 4 30.81 0.67 -1.49
C LYS D 4 31.49 -0.49 -2.20
N LEU D 5 30.74 -1.13 -3.10
CA LEU D 5 31.34 -1.87 -4.17
C LEU D 5 31.39 -0.97 -5.39
N LEU D 6 32.42 -1.15 -6.23
CA LEU D 6 32.55 -0.51 -7.53
C LEU D 6 32.39 -1.58 -8.64
N TYR D 7 31.27 -1.48 -9.36
CA TYR D 7 30.88 -2.44 -10.36
C TYR D 7 31.17 -1.90 -11.79
N CYS D 8 31.98 -2.66 -12.49
CA CYS D 8 32.39 -2.28 -13.82
C CYS D 8 31.46 -3.04 -14.80
N SER D 9 30.72 -2.23 -15.54
CA SER D 9 29.95 -2.48 -16.75
C SER D 9 30.61 -3.39 -17.80
N ASN D 10 31.88 -3.12 -18.10
CA ASN D 10 32.70 -4.00 -18.88
C ASN D 10 32.98 -5.34 -18.15
N GLY D 11 32.18 -6.34 -18.45
CA GLY D 11 32.42 -7.64 -17.84
C GLY D 11 31.53 -7.94 -16.65
N GLY D 12 31.12 -6.92 -15.89
CA GLY D 12 30.17 -7.19 -14.78
C GLY D 12 30.86 -7.63 -13.49
N HIS D 13 31.97 -6.99 -13.25
CA HIS D 13 32.92 -7.36 -12.23
C HIS D 13 32.92 -6.28 -11.16
N PHE D 14 33.00 -6.70 -9.89
CA PHE D 14 33.28 -5.74 -8.80
C PHE D 14 34.77 -5.56 -8.76
N LEU D 15 35.24 -4.33 -8.51
CA LEU D 15 36.68 -4.04 -8.28
C LEU D 15 37.21 -4.70 -6.97
N ARG D 16 38.39 -5.31 -7.03
CA ARG D 16 38.84 -6.14 -5.93
C ARG D 16 40.31 -5.85 -5.68
N ILE D 17 40.72 -5.56 -4.45
CA ILE D 17 42.17 -5.53 -4.10
C ILE D 17 42.52 -6.79 -3.28
N LEU D 18 43.31 -7.68 -3.88
CA LEU D 18 43.70 -8.92 -3.24
C LEU D 18 44.78 -8.69 -2.20
N PRO D 19 44.89 -9.60 -1.20
CA PRO D 19 45.94 -9.50 -0.20
C PRO D 19 47.42 -9.37 -0.71
N ASP D 20 47.76 -10.02 -1.81
CA ASP D 20 49.14 -10.03 -2.36
C ASP D 20 49.38 -8.75 -3.13
N GLY D 21 48.35 -7.90 -3.18
CA GLY D 21 48.37 -6.54 -3.81
C GLY D 21 48.02 -6.49 -5.30
N THR D 22 47.61 -7.61 -5.85
CA THR D 22 46.97 -7.69 -7.18
C THR D 22 45.61 -7.02 -7.17
N VAL D 23 45.21 -6.43 -8.30
CA VAL D 23 43.95 -5.69 -8.42
C VAL D 23 43.33 -6.23 -9.69
N ASP D 24 42.08 -6.67 -9.59
CA ASP D 24 41.38 -7.35 -10.68
C ASP D 24 39.89 -7.17 -10.37
N GLY D 25 39.01 -7.90 -11.04
CA GLY D 25 37.59 -7.80 -10.73
C GLY D 25 37.08 -9.20 -10.51
N THR D 26 36.10 -9.38 -9.63
CA THR D 26 35.38 -10.65 -9.54
C THR D 26 33.87 -10.41 -9.71
N ARG D 27 33.17 -11.35 -10.31
CA ARG D 27 31.69 -11.38 -10.26
C ARG D 27 31.14 -11.93 -8.93
N ASP D 28 32.01 -12.41 -8.05
CA ASP D 28 31.56 -12.97 -6.75
C ASP D 28 31.34 -11.88 -5.68
N ARG D 29 30.06 -11.60 -5.40
CA ARG D 29 29.68 -10.55 -4.43
C ARG D 29 29.93 -10.95 -2.94
N SER D 30 30.08 -12.27 -2.70
CA SER D 30 30.50 -12.88 -1.40
C SER D 30 31.96 -12.71 -0.98
N ASP D 31 32.80 -12.19 -1.90
CA ASP D 31 34.26 -11.99 -1.79
C ASP D 31 34.53 -10.83 -0.80
N GLN D 32 35.53 -10.98 0.05
CA GLN D 32 35.78 -10.06 1.16
C GLN D 32 36.62 -8.86 0.72
N HIS D 33 37.18 -8.96 -0.48
CA HIS D 33 38.13 -7.98 -0.94
C HIS D 33 37.53 -6.98 -1.94
N ILE D 34 36.20 -7.00 -2.12
CA ILE D 34 35.47 -6.02 -2.98
C ILE D 34 34.88 -4.78 -2.23
N GLN D 35 34.85 -4.86 -0.91
CA GLN D 35 34.31 -3.80 -0.07
C GLN D 35 35.32 -2.70 0.07
N LEU D 36 35.00 -1.52 -0.45
CA LEU D 36 35.92 -0.40 -0.56
C LEU D 36 35.35 0.77 0.23
N GLN D 37 36.21 1.45 0.98
CA GLN D 37 35.86 2.75 1.55
C GLN D 37 36.42 3.86 0.65
N LEU D 38 35.54 4.71 0.16
CA LEU D 38 36.00 5.89 -0.57
C LEU D 38 36.09 7.06 0.40
N SER D 39 37.18 7.78 0.41
CA SER D 39 37.22 9.00 1.22
C SER D 39 37.87 10.12 0.45
N ALA D 40 37.52 11.34 0.84
CA ALA D 40 37.70 12.51 0.01
C ALA D 40 38.76 13.42 0.56
N GLU D 41 39.85 13.59 -0.20
CA GLU D 41 40.81 14.65 0.14
C GLU D 41 40.22 16.06 -0.10
N SER D 42 40.14 16.47 -1.37
CA SER D 42 39.36 17.65 -1.77
C SER D 42 38.16 17.11 -2.50
N VAL D 43 37.28 18.01 -2.94
CA VAL D 43 36.05 17.63 -3.66
C VAL D 43 36.20 16.48 -4.68
N GLY D 44 36.75 16.73 -5.84
CA GLY D 44 36.76 15.62 -6.80
C GLY D 44 37.85 14.55 -6.67
N GLU D 45 38.49 14.44 -5.49
CA GLU D 45 39.67 13.56 -5.25
C GLU D 45 39.43 12.52 -4.17
N VAL D 46 39.61 11.25 -4.47
CA VAL D 46 39.39 10.18 -3.49
C VAL D 46 40.56 9.21 -3.29
N TYR D 47 40.58 8.63 -2.09
CA TYR D 47 41.28 7.39 -1.78
C TYR D 47 40.30 6.24 -1.91
N ILE D 48 40.74 5.13 -2.46
CA ILE D 48 39.89 3.91 -2.51
C ILE D 48 40.59 2.80 -1.63
N LYS D 49 39.96 2.45 -0.53
CA LYS D 49 40.55 1.59 0.48
C LYS D 49 39.79 0.28 0.62
N SER D 50 40.51 -0.84 0.51
CA SER D 50 39.96 -2.13 0.90
C SER D 50 39.76 -2.19 2.43
N THR D 51 38.58 -2.66 2.85
CA THR D 51 38.24 -2.68 4.25
C THR D 51 38.64 -4.02 4.97
N GLU D 52 38.83 -5.09 4.18
CA GLU D 52 39.33 -6.37 4.70
C GLU D 52 40.86 -6.32 4.96
N THR D 53 41.61 -5.58 4.14
CA THR D 53 43.07 -5.56 4.22
C THR D 53 43.77 -4.24 4.57
N GLY D 54 43.05 -3.11 4.55
CA GLY D 54 43.66 -1.76 4.67
C GLY D 54 44.44 -1.19 3.49
N GLN D 55 44.49 -1.89 2.36
CA GLN D 55 45.27 -1.41 1.18
C GLN D 55 44.53 -0.35 0.43
N TYR D 56 45.28 0.58 -0.11
CA TYR D 56 44.75 1.67 -0.93
C TYR D 56 44.92 1.27 -2.40
N LEU D 57 43.91 1.45 -3.25
CA LEU D 57 44.12 1.32 -4.70
C LEU D 57 45.17 2.34 -5.12
N ALA D 58 46.16 1.89 -5.87
CA ALA D 58 47.13 2.77 -6.44
C ALA D 58 47.44 2.39 -7.85
N MET D 59 48.07 3.35 -8.56
CA MET D 59 48.61 3.20 -9.90
C MET D 59 50.11 3.64 -9.93
N ASP D 60 51.01 2.79 -10.45
CA ASP D 60 52.46 3.03 -10.46
C ASP D 60 52.85 3.78 -11.71
N THR D 61 54.12 4.15 -11.84
CA THR D 61 54.53 5.10 -12.85
C THR D 61 54.51 4.51 -14.26
N ASP D 62 54.36 3.21 -14.39
CA ASP D 62 54.16 2.61 -15.69
C ASP D 62 52.67 2.39 -16.05
N GLY D 63 51.74 2.64 -15.12
CA GLY D 63 50.34 2.62 -15.46
C GLY D 63 49.61 1.46 -14.83
N LEU D 64 50.31 0.75 -13.98
CA LEU D 64 49.81 -0.49 -13.42
C LEU D 64 49.15 -0.28 -12.09
N LEU D 65 48.07 -1.02 -11.88
CA LEU D 65 47.26 -0.95 -10.65
C LEU D 65 47.80 -1.94 -9.63
N TYR D 66 47.92 -1.48 -8.39
CA TYR D 66 48.42 -2.29 -7.27
C TYR D 66 47.67 -1.84 -5.98
N GLY D 67 47.63 -2.74 -4.96
CA GLY D 67 47.27 -2.29 -3.62
C GLY D 67 48.50 -1.82 -2.80
N SER D 68 48.41 -0.58 -2.35
CA SER D 68 49.46 0.03 -1.56
C SER D 68 49.08 -0.18 -0.12
N GLN D 69 50.05 -0.53 0.74
CA GLN D 69 49.75 -0.85 2.11
C GLN D 69 49.57 0.39 2.99
N THR D 70 50.06 1.54 2.51
CA THR D 70 49.83 2.84 3.10
C THR D 70 49.51 3.92 2.03
N PRO D 71 48.77 4.99 2.43
CA PRO D 71 48.41 6.03 1.47
C PRO D 71 49.61 6.84 0.98
N ASN D 72 49.54 7.33 -0.23
CA ASN D 72 50.65 8.13 -0.78
C ASN D 72 50.13 8.79 -2.06
N GLU D 73 50.97 9.59 -2.71
CA GLU D 73 50.54 10.33 -3.92
C GLU D 73 50.03 9.46 -5.07
N GLU D 74 50.26 8.13 -5.03
CA GLU D 74 49.85 7.24 -6.15
C GLU D 74 48.50 6.61 -5.92
N CYS D 75 47.92 6.89 -4.73
CA CYS D 75 46.61 6.37 -4.27
C CYS D 75 45.43 7.33 -4.48
N LEU D 76 45.74 8.52 -4.91
CA LEU D 76 44.76 9.58 -5.18
C LEU D 76 44.22 9.54 -6.59
N PHE D 77 42.89 9.55 -6.69
CA PHE D 77 42.22 9.53 -7.98
C PHE D 77 41.19 10.66 -7.99
N LEU D 78 41.01 11.21 -9.19
CA LEU D 78 39.97 12.16 -9.48
C LEU D 78 38.72 11.39 -9.82
N GLU D 79 37.67 11.55 -9.03
CA GLU D 79 36.43 10.83 -9.27
C GLU D 79 35.49 11.74 -10.08
N ARG D 80 35.01 11.22 -11.20
CA ARG D 80 34.25 12.02 -12.17
C ARG D 80 33.00 11.28 -12.61
N LEU D 81 31.84 11.92 -12.39
CA LEU D 81 30.53 11.44 -12.72
C LEU D 81 30.33 11.48 -14.24
N GLU D 82 29.90 10.38 -14.82
CA GLU D 82 29.60 10.35 -16.24
C GLU D 82 28.12 10.42 -16.60
N GLU D 83 27.88 10.62 -17.91
CA GLU D 83 26.56 10.71 -18.54
C GLU D 83 25.48 9.83 -17.94
N ASN D 84 25.86 8.64 -17.51
CA ASN D 84 24.91 7.63 -17.07
C ASN D 84 24.92 7.30 -15.56
N HIS D 85 25.67 8.10 -14.76
CA HIS D 85 25.81 7.93 -13.25
C HIS D 85 26.82 6.90 -12.73
N TYR D 86 27.45 6.24 -13.68
CA TYR D 86 28.72 5.62 -13.46
C TYR D 86 29.80 6.72 -13.27
N ASN D 87 30.81 6.42 -12.48
CA ASN D 87 32.04 7.26 -12.35
C ASN D 87 33.21 6.69 -13.09
N THR D 88 34.08 7.57 -13.59
CA THR D 88 35.48 7.23 -13.91
C THR D 88 36.47 7.62 -12.80
N TYR D 89 37.60 6.94 -12.75
CA TYR D 89 38.63 7.25 -11.75
C TYR D 89 39.95 7.40 -12.44
N ILE D 90 40.44 8.63 -12.47
CA ILE D 90 41.68 8.91 -13.10
C ILE D 90 42.78 9.07 -12.04
N SER D 91 43.95 8.46 -12.26
CA SER D 91 45.14 8.73 -11.44
C SER D 91 45.39 10.23 -11.45
N LYS D 92 45.54 10.83 -10.25
CA LYS D 92 45.81 12.25 -10.16
C LYS D 92 47.26 12.55 -10.50
N LYS D 93 48.16 11.72 -10.01
CA LYS D 93 49.56 11.85 -10.40
C LYS D 93 49.75 11.80 -11.92
N HIS D 94 49.06 10.89 -12.61
CA HIS D 94 49.26 10.65 -14.07
C HIS D 94 48.16 11.28 -14.88
N ALA D 95 47.58 12.34 -14.32
CA ALA D 95 46.32 12.95 -14.80
C ALA D 95 46.36 13.53 -16.19
N GLU D 96 47.55 13.99 -16.59
CA GLU D 96 47.76 14.57 -17.92
C GLU D 96 47.81 13.46 -18.94
N LYS D 97 48.10 12.25 -18.47
CA LYS D 97 48.29 11.13 -19.36
C LYS D 97 46.95 10.47 -19.59
N ASN D 98 45.96 10.91 -18.85
CA ASN D 98 44.63 10.28 -18.86
C ASN D 98 44.70 8.79 -18.63
N TRP D 99 45.25 8.41 -17.48
CA TRP D 99 45.35 6.99 -17.06
C TRP D 99 44.22 6.77 -16.11
N PHE D 100 43.26 5.94 -16.52
CA PHE D 100 42.08 5.61 -15.72
C PHE D 100 42.26 4.23 -15.00
N VAL D 101 41.55 4.02 -13.92
CA VAL D 101 41.31 2.67 -13.39
C VAL D 101 40.32 1.98 -14.37
N GLY D 102 40.60 0.73 -14.77
CA GLY D 102 39.73 0.09 -15.73
C GLY D 102 39.85 -1.40 -15.65
N LEU D 103 38.75 -2.12 -15.84
CA LEU D 103 38.76 -3.60 -15.88
C LEU D 103 38.38 -4.11 -17.25
N LYS D 104 39.18 -5.03 -17.80
CA LYS D 104 38.86 -5.78 -19.04
C LYS D 104 37.62 -6.66 -18.91
N LYS D 105 37.10 -7.14 -20.05
CA LYS D 105 35.86 -7.97 -20.09
C LYS D 105 36.01 -9.32 -19.39
N ASN D 106 37.25 -9.76 -19.19
CA ASN D 106 37.52 -10.99 -18.45
C ASN D 106 37.96 -10.72 -17.01
N GLY D 107 37.88 -9.46 -16.59
CA GLY D 107 38.15 -9.12 -15.21
C GLY D 107 39.55 -8.73 -14.84
N SER D 108 40.54 -8.97 -15.68
CA SER D 108 41.89 -8.48 -15.38
C SER D 108 41.89 -6.96 -15.48
N CYS D 109 42.84 -6.29 -14.83
CA CYS D 109 42.83 -4.87 -14.82
C CYS D 109 43.50 -4.25 -16.09
N LYS D 110 43.17 -3.00 -16.43
CA LYS D 110 43.89 -2.37 -17.55
C LYS D 110 45.12 -1.63 -17.08
N ARG D 111 46.11 -1.57 -17.96
CA ARG D 111 47.20 -0.60 -17.80
C ARG D 111 46.64 0.78 -18.18
N GLY D 112 47.00 1.81 -17.41
CA GLY D 112 46.68 3.18 -17.73
C GLY D 112 46.80 3.62 -19.19
N PRO D 113 47.94 3.33 -19.88
CA PRO D 113 48.08 3.77 -21.26
C PRO D 113 47.18 2.98 -22.21
N ARG D 114 46.50 1.96 -21.69
CA ARG D 114 45.63 1.19 -22.55
C ARG D 114 44.17 1.57 -22.26
N THR D 115 43.95 2.46 -21.30
CA THR D 115 42.58 3.04 -21.05
C THR D 115 42.40 4.39 -21.77
N HIS D 116 41.16 4.72 -22.10
CA HIS D 116 40.86 6.03 -22.72
C HIS D 116 39.38 6.37 -22.49
N TYR D 117 39.04 7.66 -22.50
CA TYR D 117 37.65 8.14 -22.34
C TYR D 117 36.79 7.46 -23.38
N GLY D 118 35.59 7.05 -22.97
CA GLY D 118 34.73 6.35 -23.87
C GLY D 118 34.82 4.84 -23.81
N GLN D 119 35.71 4.25 -23.03
CA GLN D 119 35.77 2.79 -22.99
C GLN D 119 34.83 2.34 -21.88
N LYS D 120 34.10 1.23 -22.04
CA LYS D 120 33.26 0.67 -20.98
C LYS D 120 34.13 0.26 -19.79
N ALA D 121 35.39 -0.09 -20.07
CA ALA D 121 36.35 -0.59 -19.08
C ALA D 121 36.57 0.36 -17.90
N ILE D 122 36.35 1.65 -18.15
CA ILE D 122 36.61 2.70 -17.14
C ILE D 122 35.41 3.18 -16.35
N LEU D 123 34.23 2.62 -16.65
CA LEU D 123 32.97 3.08 -16.03
C LEU D 123 32.60 2.24 -14.81
N PHE D 124 32.47 2.89 -13.63
CA PHE D 124 32.21 2.22 -12.38
C PHE D 124 30.96 2.74 -11.67
N LEU D 125 30.02 1.83 -11.39
CA LEU D 125 28.85 2.12 -10.59
C LEU D 125 29.19 1.96 -9.08
N PRO D 126 29.19 3.06 -8.33
CA PRO D 126 29.41 2.87 -6.89
C PRO D 126 28.11 2.44 -6.24
N LEU D 127 28.22 1.44 -5.36
CA LEU D 127 27.09 0.78 -4.83
C LEU D 127 27.23 0.75 -3.31
N PRO D 128 26.70 1.78 -2.61
CA PRO D 128 26.79 1.82 -1.13
C PRO D 128 26.09 0.64 -0.47
N VAL D 129 26.89 -0.22 0.13
CA VAL D 129 26.53 -1.41 0.94
C VAL D 129 25.31 -1.35 1.86
N SER D 130 24.39 -2.30 1.64
CA SER D 130 23.51 -2.86 2.65
C SER D 130 23.08 -1.88 3.78
N LYS E 1 17.75 9.73 -16.73
CA LYS E 1 17.67 11.23 -16.57
C LYS E 1 17.31 11.62 -15.13
N LYS E 2 18.07 11.05 -14.19
CA LYS E 2 18.20 11.57 -12.84
C LYS E 2 18.97 12.85 -13.04
N PRO E 3 18.79 13.82 -12.13
CA PRO E 3 19.43 15.11 -12.29
C PRO E 3 20.89 15.12 -11.81
N LYS E 4 21.65 16.14 -12.19
CA LYS E 4 23.01 16.31 -11.71
C LYS E 4 23.11 17.72 -11.13
N LEU E 5 24.10 17.94 -10.27
CA LEU E 5 24.43 19.31 -9.77
C LEU E 5 25.68 19.77 -10.48
N LEU E 6 25.83 21.08 -10.67
CA LEU E 6 27.03 21.58 -11.21
C LEU E 6 27.65 22.37 -10.08
N TYR E 7 28.85 21.99 -9.67
CA TYR E 7 29.43 22.56 -8.50
C TYR E 7 30.60 23.44 -8.89
N CYS E 8 30.59 24.69 -8.40
CA CYS E 8 31.58 25.62 -8.80
C CYS E 8 32.64 25.72 -7.73
N SER E 9 33.83 25.26 -8.05
CA SER E 9 34.99 25.35 -7.16
C SER E 9 35.28 26.77 -6.58
N ASN E 10 34.88 27.83 -7.28
CA ASN E 10 35.19 29.22 -6.90
C ASN E 10 34.75 29.59 -5.49
N GLY E 11 33.47 29.50 -5.21
CA GLY E 11 33.03 29.71 -3.83
C GLY E 11 32.44 28.46 -3.19
N GLY E 12 32.27 27.39 -3.97
CA GLY E 12 31.61 26.18 -3.44
C GLY E 12 30.09 26.14 -3.65
N HIS E 13 29.63 26.75 -4.71
CA HIS E 13 28.20 26.87 -4.88
C HIS E 13 27.71 25.86 -5.89
N PHE E 14 26.49 25.39 -5.69
CA PHE E 14 25.79 24.80 -6.82
C PHE E 14 25.12 25.84 -7.75
N LEU E 15 25.21 25.61 -9.06
CA LEU E 15 24.50 26.51 -9.99
C LEU E 15 22.98 26.31 -9.85
N ARG E 16 22.23 27.41 -9.81
CA ARG E 16 20.82 27.43 -9.49
C ARG E 16 20.06 28.27 -10.46
N ILE E 17 18.93 27.78 -10.96
CA ILE E 17 18.03 28.60 -11.78
C ILE E 17 16.77 28.71 -10.99
N LEU E 18 16.50 29.90 -10.43
CA LEU E 18 15.27 30.08 -9.67
C LEU E 18 14.07 30.22 -10.61
N PRO E 19 12.84 29.91 -10.10
CA PRO E 19 11.62 30.07 -10.92
C PRO E 19 11.38 31.39 -11.71
N ASP E 20 11.99 32.46 -11.23
CA ASP E 20 11.74 33.80 -11.77
C ASP E 20 12.77 34.15 -12.85
N GLY E 21 13.60 33.15 -13.16
CA GLY E 21 14.67 33.24 -14.13
C GLY E 21 15.99 33.72 -13.58
N THR E 22 16.04 33.97 -12.26
CA THR E 22 17.30 34.35 -11.60
C THR E 22 18.26 33.19 -11.52
N VAL E 23 19.44 33.38 -12.13
CA VAL E 23 20.61 32.47 -11.95
C VAL E 23 21.67 32.96 -10.94
N ASP E 24 22.06 32.08 -10.01
CA ASP E 24 23.00 32.38 -8.92
C ASP E 24 23.58 31.04 -8.38
N GLY E 25 24.20 31.02 -7.21
CA GLY E 25 24.71 29.78 -6.71
C GLY E 25 24.22 29.57 -5.32
N THR E 26 24.21 28.34 -4.83
CA THR E 26 23.92 28.09 -3.42
C THR E 26 24.77 26.97 -2.89
N ARG E 27 25.23 27.13 -1.66
CA ARG E 27 25.91 26.06 -0.94
C ARG E 27 25.00 24.98 -0.35
N ASP E 28 23.68 25.21 -0.25
CA ASP E 28 22.71 24.17 0.15
C ASP E 28 22.59 23.08 -0.94
N ARG E 29 23.03 21.84 -0.63
CA ARG E 29 22.90 20.72 -1.61
C ARG E 29 21.46 20.18 -1.60
N SER E 30 20.66 20.55 -0.60
CA SER E 30 19.23 20.15 -0.61
C SER E 30 18.27 21.09 -1.37
N ASP E 31 18.79 22.17 -1.97
CA ASP E 31 17.98 23.13 -2.71
C ASP E 31 17.41 22.51 -4.00
N GLN E 32 16.09 22.58 -4.13
CA GLN E 32 15.37 22.03 -5.29
C GLN E 32 15.70 22.69 -6.67
N HIS E 33 16.27 23.88 -6.65
CA HIS E 33 16.51 24.58 -7.95
C HIS E 33 17.93 24.42 -8.52
N ILE E 34 18.73 23.60 -7.88
CA ILE E 34 20.08 23.26 -8.39
C ILE E 34 20.14 21.94 -9.20
N GLN E 35 19.03 21.20 -9.24
CA GLN E 35 19.02 19.94 -9.97
C GLN E 35 18.90 20.14 -11.49
N LEU E 36 19.99 19.84 -12.22
CA LEU E 36 20.04 20.02 -13.66
C LEU E 36 19.98 18.76 -14.52
N GLN E 37 19.56 18.94 -15.75
CA GLN E 37 19.66 17.92 -16.76
C GLN E 37 20.44 18.62 -17.85
N LEU E 38 21.48 17.94 -18.30
CA LEU E 38 22.27 18.33 -19.42
C LEU E 38 21.85 17.45 -20.59
N SER E 39 21.59 18.05 -21.74
CA SER E 39 21.15 17.24 -22.90
C SER E 39 21.85 17.79 -24.10
N ALA E 40 22.46 16.91 -24.90
CA ALA E 40 23.23 17.38 -26.06
C ALA E 40 22.39 17.49 -27.32
N GLU E 41 22.47 18.67 -27.94
CA GLU E 41 21.76 18.98 -29.20
C GLU E 41 21.90 17.94 -30.41
N SER E 42 23.07 17.42 -30.84
CA SER E 42 24.40 18.04 -31.11
C SER E 42 25.66 17.66 -30.29
N VAL E 43 26.65 17.12 -31.00
CA VAL E 43 27.93 16.77 -30.36
C VAL E 43 28.73 18.02 -29.91
N GLY E 44 29.02 18.08 -28.62
CA GLY E 44 29.71 19.21 -28.00
C GLY E 44 28.87 20.32 -27.41
N GLU E 45 27.58 20.36 -27.75
CA GLU E 45 26.67 21.43 -27.31
C GLU E 45 25.67 20.88 -26.36
N VAL E 46 25.30 21.66 -25.37
CA VAL E 46 24.35 21.21 -24.38
C VAL E 46 23.30 22.27 -24.05
N TYR E 47 22.10 21.81 -23.67
CA TYR E 47 21.20 22.66 -22.90
C TYR E 47 21.36 22.23 -21.46
N ILE E 48 21.36 23.22 -20.56
CA ILE E 48 21.38 22.98 -19.14
C ILE E 48 20.00 23.37 -18.62
N LYS E 49 19.14 22.37 -18.42
CA LYS E 49 17.76 22.61 -18.06
C LYS E 49 17.50 22.29 -16.55
N SER E 50 16.65 23.07 -15.89
CA SER E 50 16.16 22.76 -14.53
C SER E 50 15.24 21.57 -14.62
N THR E 51 15.39 20.62 -13.68
CA THR E 51 14.50 19.48 -13.56
C THR E 51 13.22 19.86 -12.75
N GLU E 52 13.33 20.88 -11.91
CA GLU E 52 12.19 21.40 -11.17
C GLU E 52 11.22 22.17 -12.06
N THR E 53 11.74 23.09 -12.86
CA THR E 53 10.96 24.10 -13.60
C THR E 53 10.88 23.92 -15.11
N GLY E 54 11.88 23.30 -15.74
CA GLY E 54 11.85 23.15 -17.19
C GLY E 54 12.51 24.33 -17.85
N GLN E 55 12.97 25.29 -17.06
CA GLN E 55 13.74 26.41 -17.57
C GLN E 55 15.14 26.01 -18.05
N TYR E 56 15.61 26.73 -19.07
CA TYR E 56 16.86 26.49 -19.72
C TYR E 56 17.80 27.61 -19.33
N LEU E 57 18.98 27.25 -18.85
CA LEU E 57 20.03 28.21 -18.70
C LEU E 57 20.23 28.97 -20.03
N ALA E 58 20.38 30.29 -19.97
CA ALA E 58 20.68 31.02 -21.19
C ALA E 58 21.55 32.18 -20.83
N MET E 59 22.21 32.76 -21.84
CA MET E 59 23.05 33.94 -21.62
C MET E 59 22.65 35.07 -22.58
N ASP E 60 22.31 36.24 -22.06
CA ASP E 60 21.80 37.30 -22.94
C ASP E 60 22.97 38.05 -23.60
N THR E 61 22.60 38.97 -24.49
CA THR E 61 23.55 39.72 -25.29
C THR E 61 24.45 40.67 -24.48
N ASP E 62 24.16 40.86 -23.19
CA ASP E 62 25.09 41.61 -22.31
C ASP E 62 26.02 40.68 -21.54
N GLY E 63 25.81 39.37 -21.67
CA GLY E 63 26.63 38.36 -21.01
C GLY E 63 26.11 37.88 -19.67
N LEU E 64 24.88 38.26 -19.34
CA LEU E 64 24.29 37.83 -18.08
C LEU E 64 23.51 36.56 -18.31
N LEU E 65 23.60 35.64 -17.35
CA LEU E 65 22.82 34.40 -17.29
C LEU E 65 21.36 34.61 -16.82
N TYR E 66 20.43 33.82 -17.37
CA TYR E 66 19.01 33.90 -16.95
C TYR E 66 18.38 32.53 -17.22
N GLY E 67 17.18 32.27 -16.69
CA GLY E 67 16.41 31.05 -16.96
C GLY E 67 15.33 31.40 -17.95
N SER E 68 15.35 30.69 -19.08
CA SER E 68 14.43 30.91 -20.19
C SER E 68 13.39 29.79 -20.06
N GLN E 69 12.10 30.13 -20.21
CA GLN E 69 11.00 29.17 -20.15
C GLN E 69 10.97 28.33 -21.43
N THR E 70 11.46 28.91 -22.52
CA THR E 70 11.53 28.21 -23.78
C THR E 70 13.02 28.07 -24.27
N PRO E 71 13.36 26.95 -24.95
CA PRO E 71 14.71 26.90 -25.51
C PRO E 71 14.82 27.91 -26.65
N ASN E 72 15.98 28.54 -26.77
CA ASN E 72 16.29 29.36 -27.92
C ASN E 72 17.80 29.29 -28.15
N GLU E 73 18.26 30.02 -29.17
CA GLU E 73 19.67 30.15 -29.54
C GLU E 73 20.58 30.67 -28.41
N GLU E 74 20.07 31.43 -27.44
CA GLU E 74 20.90 31.88 -26.30
C GLU E 74 21.08 30.77 -25.17
N CYS E 75 20.42 29.63 -25.35
CA CYS E 75 20.43 28.53 -24.37
C CYS E 75 21.46 27.44 -24.68
N LEU E 76 22.14 27.53 -25.79
CA LEU E 76 23.11 26.51 -26.20
C LEU E 76 24.47 26.87 -25.70
N PHE E 77 25.17 25.88 -25.14
CA PHE E 77 26.50 26.03 -24.53
C PHE E 77 27.42 24.96 -25.11
N LEU E 78 28.67 25.34 -25.38
CA LEU E 78 29.70 24.38 -25.77
C LEU E 78 30.33 23.81 -24.49
N GLU E 79 30.27 22.49 -24.31
CA GLU E 79 30.83 21.84 -23.12
C GLU E 79 32.27 21.38 -23.42
N ARG E 80 33.22 21.75 -22.56
CA ARG E 80 34.61 21.35 -22.71
C ARG E 80 35.11 20.72 -21.41
N LEU E 81 35.99 19.73 -21.47
CA LEU E 81 36.64 19.13 -20.33
C LEU E 81 38.01 19.81 -20.19
N GLU E 82 38.28 20.60 -19.15
CA GLU E 82 39.58 21.33 -19.06
C GLU E 82 40.66 20.46 -18.35
N GLU E 83 41.86 20.96 -18.07
CA GLU E 83 42.94 20.07 -17.64
C GLU E 83 42.74 19.22 -16.32
N ASN E 84 42.07 19.75 -15.29
CA ASN E 84 41.84 18.93 -14.08
C ASN E 84 40.52 18.18 -14.12
N HIS E 85 39.94 18.15 -15.33
CA HIS E 85 38.75 17.36 -15.62
C HIS E 85 37.51 17.98 -15.02
N TYR E 86 37.58 19.29 -14.81
CA TYR E 86 36.41 20.09 -14.59
C TYR E 86 35.77 20.41 -15.95
N ASN E 87 34.45 20.63 -15.94
CA ASN E 87 33.78 21.20 -17.06
C ASN E 87 33.62 22.73 -16.99
N THR E 88 33.64 23.31 -18.17
CA THR E 88 33.37 24.70 -18.39
C THR E 88 32.33 24.75 -19.50
N TYR E 89 31.62 25.87 -19.53
CA TYR E 89 30.55 26.06 -20.50
C TYR E 89 30.69 27.41 -21.19
N ILE E 90 30.76 27.39 -22.52
CA ILE E 90 30.71 28.68 -23.23
C ILE E 90 29.44 28.93 -23.99
N SER E 91 28.93 30.15 -23.94
CA SER E 91 27.84 30.55 -24.78
C SER E 91 28.16 30.21 -26.23
N LYS E 92 27.30 29.43 -26.91
CA LYS E 92 27.54 29.17 -28.32
C LYS E 92 27.37 30.44 -29.19
N LYS E 93 26.29 31.16 -28.93
CA LYS E 93 26.00 32.41 -29.60
C LYS E 93 27.21 33.33 -29.57
N HIS E 94 27.92 33.31 -28.45
CA HIS E 94 29.03 34.22 -28.16
C HIS E 94 30.36 33.47 -28.02
N ALA E 95 30.44 32.30 -28.66
CA ALA E 95 31.59 31.43 -28.54
C ALA E 95 32.94 32.14 -28.84
N GLU E 96 32.96 32.97 -29.88
CA GLU E 96 34.18 33.63 -30.35
C GLU E 96 34.69 34.76 -29.40
N LYS E 97 33.80 35.33 -28.60
CA LYS E 97 34.23 36.22 -27.54
C LYS E 97 34.67 35.41 -26.31
N ASN E 98 34.31 34.12 -26.29
CA ASN E 98 34.66 33.17 -25.21
C ASN E 98 34.01 33.62 -23.92
N TRP E 99 32.69 33.75 -23.95
CA TRP E 99 31.87 34.13 -22.78
C TRP E 99 31.51 32.86 -22.02
N PHE E 100 31.98 32.72 -20.80
CA PHE E 100 31.68 31.54 -20.03
C PHE E 100 30.53 31.71 -18.99
N VAL E 101 29.92 30.58 -18.67
CA VAL E 101 29.16 30.43 -17.46
C VAL E 101 30.14 30.51 -16.29
N GLY E 102 29.89 31.38 -15.31
CA GLY E 102 30.78 31.49 -14.11
C GLY E 102 30.00 31.99 -12.87
N LEU E 103 30.46 31.64 -11.67
CA LEU E 103 29.96 32.20 -10.41
C LEU E 103 31.08 32.85 -9.58
N LYS E 104 30.87 34.09 -9.13
CA LYS E 104 31.79 34.78 -8.20
C LYS E 104 31.92 33.99 -6.90
N LYS E 105 32.86 34.39 -6.03
CA LYS E 105 33.01 33.79 -4.68
C LYS E 105 31.75 33.98 -3.84
N ASN E 106 31.05 35.11 -4.04
CA ASN E 106 29.79 35.38 -3.32
C ASN E 106 28.53 34.73 -3.95
N GLY E 107 28.74 33.73 -4.81
CA GLY E 107 27.61 33.01 -5.42
C GLY E 107 26.72 33.76 -6.41
N SER E 108 27.12 34.94 -6.86
CA SER E 108 26.40 35.61 -7.91
C SER E 108 27.09 35.30 -9.25
N CYS E 109 26.32 35.39 -10.34
CA CYS E 109 26.78 35.03 -11.66
C CYS E 109 27.81 36.00 -12.15
N LYS E 110 28.90 35.45 -12.68
CA LYS E 110 29.80 36.28 -13.43
C LYS E 110 29.14 36.66 -14.78
N ARG E 111 29.52 37.81 -15.32
CA ARG E 111 28.98 38.20 -16.60
C ARG E 111 29.94 37.69 -17.63
N GLY E 112 29.42 37.17 -18.73
CA GLY E 112 30.23 36.75 -19.88
C GLY E 112 31.49 37.54 -20.21
N PRO E 113 31.33 38.84 -20.59
CA PRO E 113 32.53 39.63 -20.94
C PRO E 113 33.57 39.82 -19.80
N ARG E 114 33.20 39.51 -18.56
CA ARG E 114 34.19 39.47 -17.46
C ARG E 114 34.78 38.07 -17.14
N THR E 115 34.30 37.01 -17.77
CA THR E 115 34.99 35.71 -17.68
C THR E 115 36.25 35.58 -18.59
N HIS E 116 37.16 34.66 -18.21
CA HIS E 116 38.36 34.38 -18.99
C HIS E 116 38.96 33.04 -18.58
N TYR E 117 39.72 32.44 -19.52
CA TYR E 117 40.53 31.23 -19.28
C TYR E 117 41.28 31.27 -17.98
N GLY E 118 41.21 30.18 -17.22
CA GLY E 118 41.95 30.11 -15.98
C GLY E 118 41.30 30.67 -14.73
N GLN E 119 40.05 31.12 -14.83
CA GLN E 119 39.26 31.48 -13.65
C GLN E 119 38.67 30.28 -12.97
N LYS E 120 38.78 30.29 -11.64
CA LYS E 120 38.22 29.28 -10.78
C LYS E 120 36.71 29.36 -10.90
N ALA E 121 36.25 30.53 -11.34
CA ALA E 121 34.82 30.86 -11.49
C ALA E 121 34.16 30.12 -12.66
N ILE E 122 34.92 29.69 -13.65
CA ILE E 122 34.32 29.02 -14.78
C ILE E 122 34.35 27.49 -14.68
N LEU E 123 34.88 26.96 -13.57
CA LEU E 123 35.20 25.53 -13.41
C LEU E 123 34.09 24.77 -12.67
N PHE E 124 33.44 23.83 -13.37
CA PHE E 124 32.32 23.05 -12.76
C PHE E 124 32.63 21.54 -12.65
N LEU E 125 32.17 20.98 -11.53
CA LEU E 125 32.21 19.57 -11.23
C LEU E 125 30.77 19.12 -11.23
N PRO E 126 30.38 18.28 -12.19
CA PRO E 126 29.06 17.66 -12.11
C PRO E 126 29.03 16.57 -10.99
N LEU E 127 28.05 16.66 -10.07
CA LEU E 127 27.95 15.80 -8.90
C LEU E 127 26.59 15.11 -8.87
N PRO E 128 26.49 13.96 -8.15
CA PRO E 128 25.19 13.36 -7.92
C PRO E 128 24.34 14.28 -7.03
N VAL E 129 23.02 14.22 -7.15
CA VAL E 129 22.21 14.95 -6.16
C VAL E 129 22.28 14.04 -4.97
N SER E 130 22.83 14.56 -3.87
CA SER E 130 23.64 13.70 -2.95
C SER E 130 23.68 12.22 -3.26
N LYS F 1 12.59 -12.84 -25.45
CA LYS F 1 13.05 -12.01 -24.28
C LYS F 1 14.55 -11.58 -24.35
N LYS F 2 14.86 -10.32 -24.68
CA LYS F 2 13.94 -9.19 -24.91
C LYS F 2 13.27 -8.75 -23.61
N PRO F 3 13.84 -7.73 -22.98
CA PRO F 3 13.55 -7.30 -21.60
C PRO F 3 12.19 -6.60 -21.41
N LYS F 4 11.61 -6.70 -20.23
CA LYS F 4 10.40 -5.95 -19.95
C LYS F 4 10.73 -5.11 -18.78
N LEU F 5 9.88 -4.14 -18.49
CA LEU F 5 9.98 -3.32 -17.32
C LEU F 5 8.84 -3.72 -16.45
N LEU F 6 9.05 -3.60 -15.16
CA LEU F 6 7.99 -3.71 -14.20
C LEU F 6 7.68 -2.36 -13.60
N TYR F 7 6.49 -1.89 -13.94
CA TYR F 7 6.02 -0.58 -13.58
C TYR F 7 5.06 -0.57 -12.41
N CYS F 8 5.41 0.16 -11.36
CA CYS F 8 4.57 0.14 -10.20
C CYS F 8 3.73 1.40 -10.18
N SER F 9 2.42 1.24 -10.13
CA SER F 9 1.52 2.39 -10.21
C SER F 9 1.60 3.30 -8.99
N ASN F 10 2.08 2.77 -7.86
CA ASN F 10 2.21 3.50 -6.59
C ASN F 10 3.37 4.50 -6.62
N GLY F 11 3.13 5.72 -7.06
CA GLY F 11 4.29 6.61 -7.36
C GLY F 11 4.96 6.38 -8.72
N GLY F 12 4.96 5.14 -9.21
CA GLY F 12 5.32 4.91 -10.61
C GLY F 12 6.80 4.67 -10.86
N HIS F 13 7.33 3.66 -10.21
CA HIS F 13 8.72 3.34 -10.27
C HIS F 13 8.82 2.10 -11.12
N PHE F 14 9.97 1.93 -11.80
CA PHE F 14 10.25 0.69 -12.49
C PHE F 14 11.00 -0.10 -11.48
N LEU F 15 10.76 -1.40 -11.44
CA LEU F 15 11.37 -2.20 -10.36
C LEU F 15 12.83 -2.43 -10.75
N ARG F 16 13.78 -2.18 -9.83
CA ARG F 16 15.21 -2.17 -10.17
C ARG F 16 15.99 -3.20 -9.39
N ILE F 17 16.85 -3.99 -10.03
CA ILE F 17 17.80 -4.85 -9.25
C ILE F 17 19.24 -4.40 -9.47
N LEU F 18 19.79 -3.70 -8.47
CA LEU F 18 21.15 -3.17 -8.56
C LEU F 18 22.11 -4.35 -8.49
N PRO F 19 23.31 -4.21 -9.12
CA PRO F 19 24.26 -5.32 -9.14
C PRO F 19 24.58 -5.89 -7.79
N ASP F 20 24.54 -5.05 -6.76
CA ASP F 20 25.08 -5.40 -5.36
C ASP F 20 24.11 -6.26 -4.54
N GLY F 21 22.89 -6.46 -5.15
CA GLY F 21 21.80 -7.16 -4.53
C GLY F 21 20.70 -6.17 -4.07
N THR F 22 21.10 -4.85 -3.96
CA THR F 22 20.00 -3.88 -3.59
C THR F 22 18.80 -3.80 -4.58
N VAL F 23 17.59 -3.96 -4.04
CA VAL F 23 16.34 -3.80 -4.82
C VAL F 23 15.43 -2.65 -4.31
N ASP F 24 14.98 -1.81 -5.25
CA ASP F 24 14.23 -0.58 -5.00
C ASP F 24 13.56 -0.13 -6.34
N GLY F 25 13.21 1.14 -6.50
CA GLY F 25 12.50 1.53 -7.72
C GLY F 25 13.14 2.75 -8.35
N THR F 26 12.89 3.02 -9.61
CA THR F 26 13.37 4.30 -10.18
C THR F 26 12.42 4.77 -11.22
N ARG F 27 12.14 6.06 -11.22
CA ARG F 27 11.38 6.69 -12.31
C ARG F 27 12.12 6.83 -13.63
N ASP F 28 13.44 6.62 -13.61
CA ASP F 28 14.27 6.69 -14.81
C ASP F 28 14.08 5.45 -15.69
N ARG F 29 13.53 5.63 -16.91
CA ARG F 29 13.23 4.52 -17.86
C ARG F 29 14.51 4.09 -18.60
N SER F 30 15.52 4.97 -18.60
CA SER F 30 16.83 4.72 -19.19
C SER F 30 17.83 3.90 -18.36
N ASP F 31 17.45 3.53 -17.14
CA ASP F 31 18.31 2.84 -16.21
C ASP F 31 18.51 1.38 -16.64
N GLN F 32 19.77 0.96 -16.81
CA GLN F 32 20.06 -0.42 -17.26
C GLN F 32 19.63 -1.49 -16.27
N HIS F 33 19.40 -1.12 -15.01
CA HIS F 33 19.07 -2.16 -14.00
C HIS F 33 17.55 -2.43 -13.72
N ILE F 34 16.69 -1.80 -14.50
CA ILE F 34 15.23 -2.06 -14.50
C ILE F 34 14.77 -3.01 -15.61
N GLN F 35 15.71 -3.51 -16.42
CA GLN F 35 15.37 -4.34 -17.58
C GLN F 35 15.35 -5.78 -17.14
N LEU F 36 14.17 -6.42 -17.24
CA LEU F 36 13.91 -7.74 -16.64
C LEU F 36 13.44 -8.80 -17.63
N GLN F 37 13.74 -10.05 -17.28
CA GLN F 37 13.25 -11.18 -18.00
C GLN F 37 12.41 -11.94 -16.97
N LEU F 38 11.11 -12.02 -17.30
CA LEU F 38 10.10 -12.71 -16.53
C LEU F 38 9.99 -14.04 -17.25
N SER F 39 10.51 -15.11 -16.65
CA SER F 39 10.46 -16.41 -17.30
C SER F 39 9.78 -17.43 -16.41
N ALA F 40 8.85 -18.17 -17.00
CA ALA F 40 7.98 -19.09 -16.28
C ALA F 40 8.59 -20.47 -16.04
N GLU F 41 8.76 -20.87 -14.78
CA GLU F 41 9.06 -22.28 -14.41
C GLU F 41 7.81 -23.15 -14.67
N SER F 42 7.18 -23.65 -13.60
CA SER F 42 5.88 -24.32 -13.68
C SER F 42 4.82 -23.28 -14.05
N VAL F 43 3.58 -23.72 -14.28
CA VAL F 43 2.57 -22.82 -14.86
C VAL F 43 2.21 -21.63 -13.97
N GLY F 44 2.11 -21.87 -12.65
CA GLY F 44 1.88 -20.77 -11.70
C GLY F 44 2.90 -19.63 -11.58
N GLU F 45 4.20 -19.95 -11.69
CA GLU F 45 5.29 -19.14 -11.11
C GLU F 45 6.26 -18.60 -12.15
N VAL F 46 7.00 -17.58 -11.75
CA VAL F 46 8.01 -16.95 -12.59
C VAL F 46 9.23 -16.65 -11.75
N TYR F 47 10.40 -16.68 -12.39
CA TYR F 47 11.63 -16.02 -11.91
C TYR F 47 11.68 -14.69 -12.58
N ILE F 48 12.05 -13.66 -11.83
CA ILE F 48 12.20 -12.31 -12.38
C ILE F 48 13.73 -11.98 -12.36
N LYS F 49 14.33 -11.82 -13.55
CA LYS F 49 15.78 -11.78 -13.68
C LYS F 49 16.33 -10.52 -14.42
N SER F 50 17.33 -9.88 -13.79
CA SER F 50 18.05 -8.74 -14.40
C SER F 50 18.65 -9.24 -15.73
N THR F 51 18.39 -8.51 -16.82
CA THR F 51 18.91 -8.86 -18.13
C THR F 51 20.37 -8.35 -18.28
N GLU F 52 20.75 -7.43 -17.38
CA GLU F 52 22.12 -6.87 -17.25
C GLU F 52 23.09 -7.79 -16.53
N THR F 53 22.69 -8.27 -15.34
CA THR F 53 23.58 -9.00 -14.42
C THR F 53 23.18 -10.48 -14.17
N GLY F 54 22.01 -10.89 -14.65
CA GLY F 54 21.59 -12.26 -14.56
C GLY F 54 21.29 -12.64 -13.12
N GLN F 55 21.03 -11.64 -12.28
CA GLN F 55 20.63 -11.88 -10.89
C GLN F 55 19.13 -12.18 -10.83
N TYR F 56 18.73 -12.82 -9.74
CA TYR F 56 17.35 -13.21 -9.51
C TYR F 56 16.70 -12.48 -8.36
N LEU F 57 15.56 -11.85 -8.63
CA LEU F 57 14.74 -11.32 -7.56
C LEU F 57 14.40 -12.50 -6.64
N ALA F 58 14.64 -12.29 -5.35
CA ALA F 58 14.44 -13.30 -4.36
C ALA F 58 13.98 -12.52 -3.15
N MET F 59 13.21 -13.24 -2.28
CA MET F 59 12.64 -12.58 -1.12
C MET F 59 12.88 -13.49 0.05
N ASP F 60 13.47 -12.80 1.14
CA ASP F 60 13.93 -13.56 2.21
C ASP F 60 12.80 -13.77 3.23
N THR F 61 13.15 -14.66 4.20
CA THR F 61 12.27 -15.07 5.23
C THR F 61 11.79 -13.93 6.07
N ASP F 62 12.21 -12.66 5.68
CA ASP F 62 11.72 -11.45 6.38
C ASP F 62 10.97 -10.45 5.52
N GLY F 63 10.64 -10.89 4.30
CA GLY F 63 9.75 -10.18 3.43
C GLY F 63 10.47 -9.13 2.65
N LEU F 64 11.80 -9.20 2.75
CA LEU F 64 12.70 -8.21 2.21
C LEU F 64 13.15 -8.74 0.89
N LEU F 65 13.11 -7.85 -0.11
CA LEU F 65 13.49 -8.19 -1.46
C LEU F 65 15.00 -7.98 -1.65
N TYR F 66 15.63 -8.93 -2.33
CA TYR F 66 17.05 -8.80 -2.58
C TYR F 66 17.37 -9.43 -3.92
N GLY F 67 18.60 -9.18 -4.37
CA GLY F 67 19.09 -9.65 -5.67
C GLY F 67 20.01 -10.85 -5.48
N SER F 68 19.55 -12.03 -5.97
CA SER F 68 20.29 -13.26 -5.78
C SER F 68 20.99 -13.63 -7.08
N GLN F 69 22.28 -13.90 -6.96
CA GLN F 69 23.08 -14.34 -8.11
C GLN F 69 22.67 -15.73 -8.57
N THR F 70 22.20 -16.59 -7.56
CA THR F 70 21.73 -17.91 -7.89
C THR F 70 20.18 -18.13 -7.74
N PRO F 71 19.57 -18.84 -8.70
CA PRO F 71 18.20 -19.28 -8.48
C PRO F 71 18.17 -20.20 -7.24
N ASN F 72 17.10 -20.09 -6.46
CA ASN F 72 16.88 -20.91 -5.27
C ASN F 72 15.41 -20.81 -4.85
N GLU F 73 15.04 -21.47 -3.75
CA GLU F 73 13.64 -21.55 -3.32
C GLU F 73 13.00 -20.15 -3.18
N GLU F 74 13.81 -19.11 -2.79
CA GLU F 74 13.26 -17.78 -2.49
C GLU F 74 13.12 -16.80 -3.69
N CYS F 75 13.55 -17.26 -4.89
CA CYS F 75 13.48 -16.50 -6.17
C CYS F 75 12.20 -16.79 -7.00
N LEU F 76 11.31 -17.58 -6.43
CA LEU F 76 10.10 -18.05 -7.13
C LEU F 76 8.93 -17.18 -6.68
N PHE F 77 8.18 -16.70 -7.67
CA PHE F 77 7.07 -15.79 -7.41
C PHE F 77 5.85 -16.33 -8.11
N LEU F 78 4.68 -16.25 -7.47
CA LEU F 78 3.41 -16.62 -8.12
C LEU F 78 2.86 -15.38 -8.91
N GLU F 79 2.69 -15.53 -10.22
CA GLU F 79 2.14 -14.43 -11.03
C GLU F 79 0.62 -14.57 -11.16
N ARG F 80 -0.07 -13.51 -10.72
CA ARG F 80 -1.51 -13.47 -10.64
C ARG F 80 -2.07 -12.19 -11.27
N LEU F 81 -3.19 -12.26 -11.99
CA LEU F 81 -3.80 -11.05 -12.55
C LEU F 81 -4.86 -10.64 -11.52
N GLU F 82 -4.88 -9.37 -11.08
CA GLU F 82 -5.91 -8.84 -10.13
C GLU F 82 -7.00 -8.08 -10.91
N GLU F 83 -8.00 -7.46 -10.26
CA GLU F 83 -9.24 -7.03 -10.97
C GLU F 83 -9.11 -5.87 -12.04
N ASN F 84 -8.22 -4.88 -11.79
CA ASN F 84 -7.84 -3.84 -12.80
C ASN F 84 -6.82 -4.30 -13.85
N HIS F 85 -6.49 -5.59 -13.87
CA HIS F 85 -5.60 -6.21 -14.86
C HIS F 85 -4.15 -5.81 -14.76
N TYR F 86 -3.76 -5.54 -13.51
CA TYR F 86 -2.43 -5.48 -13.08
C TYR F 86 -1.97 -6.86 -12.63
N ASN F 87 -0.66 -7.07 -12.69
CA ASN F 87 0.01 -8.24 -12.11
C ASN F 87 0.48 -7.96 -10.71
N THR F 88 0.32 -8.99 -9.88
CA THR F 88 0.92 -9.06 -8.54
C THR F 88 1.78 -10.32 -8.45
N TYR F 89 2.65 -10.34 -7.45
CA TYR F 89 3.72 -11.31 -7.32
C TYR F 89 3.79 -11.66 -5.85
N ILE F 90 3.57 -12.92 -5.54
CA ILE F 90 3.75 -13.30 -4.14
C ILE F 90 4.82 -14.35 -4.04
N SER F 91 5.50 -14.35 -2.88
CA SER F 91 6.61 -15.27 -2.74
C SER F 91 6.02 -16.67 -2.64
N LYS F 92 6.53 -17.56 -3.49
CA LYS F 92 6.15 -18.96 -3.41
C LYS F 92 6.43 -19.63 -2.01
N LYS F 93 7.66 -19.52 -1.52
CA LYS F 93 8.01 -19.99 -0.19
C LYS F 93 7.01 -19.54 0.87
N HIS F 94 6.58 -18.30 0.76
CA HIS F 94 5.90 -17.60 1.85
C HIS F 94 4.40 -17.56 1.60
N ALA F 95 3.97 -18.36 0.56
CA ALA F 95 2.65 -18.21 -0.17
C ALA F 95 1.46 -17.95 0.78
N GLU F 96 1.41 -18.75 1.92
CA GLU F 96 0.32 -18.72 2.87
C GLU F 96 0.14 -17.41 3.66
N LYS F 97 1.21 -16.76 4.12
CA LYS F 97 1.09 -15.44 4.73
C LYS F 97 1.07 -14.34 3.65
N ASN F 98 0.54 -14.68 2.49
CA ASN F 98 0.44 -13.74 1.32
C ASN F 98 1.37 -12.56 1.32
N TRP F 99 2.59 -12.85 0.96
CA TRP F 99 3.65 -11.80 0.83
C TRP F 99 3.96 -11.31 -0.59
N PHE F 100 3.73 -10.00 -0.84
CA PHE F 100 3.84 -9.43 -2.19
C PHE F 100 5.20 -8.72 -2.45
N VAL F 101 5.61 -8.70 -3.72
CA VAL F 101 6.61 -7.74 -4.27
C VAL F 101 5.88 -6.41 -4.36
N GLY F 102 6.46 -5.37 -3.78
CA GLY F 102 5.82 -4.04 -3.72
C GLY F 102 6.85 -2.92 -3.56
N LEU F 103 6.57 -1.76 -4.15
CA LEU F 103 7.36 -0.54 -3.91
C LEU F 103 6.53 0.55 -3.17
N LYS F 104 7.08 1.08 -2.09
CA LYS F 104 6.54 2.32 -1.48
C LYS F 104 6.50 3.51 -2.48
N LYS F 105 5.71 4.53 -2.12
CA LYS F 105 5.52 5.79 -2.90
C LYS F 105 6.82 6.54 -3.21
N ASN F 106 7.83 6.33 -2.35
CA ASN F 106 9.11 7.03 -2.44
C ASN F 106 10.20 6.21 -3.14
N GLY F 107 9.85 5.02 -3.61
CA GLY F 107 10.80 4.20 -4.36
C GLY F 107 11.37 2.98 -3.65
N SER F 108 11.33 2.92 -2.33
CA SER F 108 11.86 1.73 -1.66
C SER F 108 10.85 0.60 -1.49
N CYS F 109 11.38 -0.60 -1.39
CA CYS F 109 10.58 -1.81 -1.25
C CYS F 109 9.75 -1.85 0.05
N LYS F 110 8.47 -2.21 -0.10
CA LYS F 110 7.69 -2.72 1.02
C LYS F 110 8.30 -4.06 1.45
N ARG F 111 8.28 -4.34 2.75
CA ARG F 111 8.58 -5.69 3.20
C ARG F 111 7.34 -6.59 2.88
N GLY F 112 7.56 -7.87 2.55
CA GLY F 112 6.50 -8.91 2.60
C GLY F 112 5.41 -8.92 3.79
N PRO F 113 5.87 -8.83 5.09
CA PRO F 113 4.79 -8.81 6.15
C PRO F 113 3.87 -7.57 6.08
N ARG F 114 4.36 -6.52 5.17
CA ARG F 114 3.63 -5.23 5.25
C ARG F 114 2.79 -5.01 4.01
N THR F 115 2.95 -5.95 3.06
CA THR F 115 2.09 -6.02 1.87
C THR F 115 0.71 -6.66 2.18
N HIS F 116 -0.31 -6.18 1.49
CA HIS F 116 -1.62 -6.78 1.55
C HIS F 116 -2.46 -6.38 0.33
N TYR F 117 -3.58 -7.09 0.14
CA TYR F 117 -4.51 -6.78 -0.95
C TYR F 117 -5.04 -5.39 -0.82
N GLY F 118 -5.27 -4.75 -1.96
CA GLY F 118 -5.85 -3.41 -1.97
C GLY F 118 -4.82 -2.29 -1.93
N GLN F 119 -3.54 -2.62 -1.75
CA GLN F 119 -2.45 -1.61 -1.85
C GLN F 119 -2.02 -1.32 -3.30
N LYS F 120 -1.88 -0.02 -3.63
CA LYS F 120 -1.30 0.44 -4.91
C LYS F 120 0.13 -0.06 -5.12
N ALA F 121 0.76 -0.49 -4.04
CA ALA F 121 2.18 -0.76 -3.95
C ALA F 121 2.53 -2.09 -4.57
N ILE F 122 1.51 -2.92 -4.80
CA ILE F 122 1.71 -4.33 -5.18
C ILE F 122 1.34 -4.56 -6.61
N LEU F 123 0.96 -3.47 -7.27
CA LEU F 123 0.34 -3.51 -8.57
C LEU F 123 1.36 -3.28 -9.66
N PHE F 124 1.59 -4.25 -10.54
CA PHE F 124 2.61 -4.04 -11.62
C PHE F 124 2.05 -4.16 -13.00
N LEU F 125 2.59 -3.35 -13.90
CA LEU F 125 2.34 -3.42 -15.34
C LEU F 125 3.64 -3.82 -16.01
N PRO F 126 3.68 -4.99 -16.68
CA PRO F 126 4.83 -5.19 -17.59
C PRO F 126 4.81 -4.15 -18.74
N LEU F 127 5.95 -3.53 -19.05
CA LEU F 127 6.02 -2.53 -20.12
C LEU F 127 7.16 -2.82 -21.09
N PRO F 128 7.10 -2.29 -22.32
CA PRO F 128 8.31 -2.42 -23.12
C PRO F 128 9.39 -1.47 -22.64
N VAL F 129 10.64 -1.72 -23.03
CA VAL F 129 11.68 -0.71 -23.02
C VAL F 129 11.97 -0.02 -24.38
N SER F 130 11.55 1.23 -24.62
CA SER F 130 10.20 1.75 -24.43
C SER F 130 9.62 1.52 -25.81
OAA GTQ G . -15.44 24.91 23.45
OAB GTQ G . -16.56 25.73 21.74
OAC GTQ G . -15.44 21.14 19.06
OAD GTQ G . -12.82 25.36 21.40
CAE GTQ G . -13.51 22.46 19.35
CAF GTQ G . -12.88 23.53 19.95
CAG GTQ G . -15.51 23.00 20.56
CAH GTQ G . -15.68 24.97 22.21
CAI GTQ G . -14.83 22.18 19.66
CAJ GTQ G . -13.54 24.35 20.86
CAK GTQ G . -14.87 24.09 21.19
OAA GTQ H . -19.94 -17.64 37.05
OAB GTQ H . -19.63 -19.62 36.23
OAC GTQ H . -17.59 -18.94 31.63
OAD GTQ H . -18.75 -15.44 35.59
CAE GTQ H . -17.68 -16.81 32.51
CAF GTQ H . -17.97 -15.96 33.53
CAG GTQ H . -18.43 -18.62 33.84
CAH GTQ H . -19.43 -18.40 36.18
CAI GTQ H . -17.90 -18.14 32.66
CAJ GTQ H . -18.49 -16.41 34.70
CAK GTQ H . -18.75 -17.76 34.89
#